data_6Y47
#
_entry.id   6Y47
#
_cell.length_a   86.010
_cell.length_b   156.951
_cell.length_c   77.563
_cell.angle_alpha   90.000
_cell.angle_beta   90.000
_cell.angle_gamma   90.000
#
_symmetry.space_group_name_H-M   'P 21 21 2'
#
loop_
_entity.id
_entity.type
_entity.pdbx_description
1 polymer 'Ferric enterobactin receptor'
2 non-polymer ~{N}-[(5~{S})-6-azanyl-5-[[2,3-bis(oxidanyl)phenyl]carbonylamino]-6-oxidanylidene-hexyl]-2,3-bis(oxidanyl)benzamide
3 non-polymer 1,2-ETHANEDIOL
4 non-polymer 'FE (III) ION'
#
_entity_poly.entity_id   1
_entity_poly.type   'polypeptide(L)'
_entity_poly.pdbx_seq_one_letter_code
;GAMAGQGDGSVIELGEQTVVATAQEETKQAPGVSIITAEDIAKRPPSNDLSQIIRTMPGVNLTGNSSSGQRGNNRQIDIR
GMGPENTLILVDGKPVSSRNSVRYGWRGERDSRGDTNWVPADQVERIEVIRGPAAARYGNGAAGGVVNIITKQAGAETHG
NLSVYSNFPQHKAEGASERMSFGLNGPLTENLSYRVYGNIAKTDSDDWDINAGHESNRTGKQAGTLPAGREGVRNKDIDG
LLSWRLTPEQTLEFEAGFSRQGNIYTGDTQNTNSNNYVKQMLGHETNRMYRETYSVTHRGEWDFGSSLAYLQYEKTRNSR
INEGLAGGTEGIFDPNNAGFYTATLRDLTAHGEVNLPLHLGYEQTLTLGSEWTEQKLDDPSSNTQNTEEGGSIPGLAGKN
RSSSSSARIFSLFAEDNIELMPGTMLTPGLRWDHHDIVGDNWSPSLNLSHALTERVTLKAGIARAYKAPNLYQLNPDYLL
YSRGQGCYGQSTSCYLRGNDGLKAETSVNKELGIEYSHDGLVAGLTYFRNDYKNKIESGLSPVDHASGGKGDYANAAIYQ
WENVPKAVVEGLEGTLTLPLADGLKWSNNLTYMLQSKNKETGDVLSVTPRYTLNSMLDWQATDDLSLQATVTWYGKQKPK
KYDYHGDRVTGSANDQLSPYAIAGLGGTYRLSKNLSLGAGVDNLFDKRLFRAGNAQGVVGIDGAGAATYNEPGRTFYTSL
TASF
;
_entity_poly.pdbx_strand_id   A
#
loop_
_chem_comp.id
_chem_comp.type
_chem_comp.name
_chem_comp.formula
EDO non-polymer 1,2-ETHANEDIOL 'C2 H6 O2'
FE non-polymer 'FE (III) ION' 'Fe 3'
OWT non-polymer ~{N}-[(5~{S})-6-azanyl-5-[[2,3-bis(oxidanyl)phenyl]carbonylamino]-6-oxidanylidene-hexyl]-2,3-bis(oxidanyl)benzamide 'C45 H55 F N10 O13'
#
# COMPACT_ATOMS: atom_id res chain seq x y z
N THR A 27 4.87 -19.35 -15.57
CA THR A 27 3.94 -18.27 -15.88
C THR A 27 3.94 -17.22 -14.76
N LYS A 28 3.11 -16.19 -14.91
CA LYS A 28 3.09 -15.05 -14.00
C LYS A 28 1.87 -15.05 -13.07
N GLN A 29 0.98 -16.03 -13.19
CA GLN A 29 -0.18 -16.13 -12.30
C GLN A 29 -0.39 -17.57 -11.87
N ALA A 30 -0.60 -17.76 -10.58
CA ALA A 30 -0.99 -19.02 -9.97
C ALA A 30 -2.01 -18.70 -8.89
N PRO A 31 -2.80 -19.69 -8.45
CA PRO A 31 -3.75 -19.41 -7.37
C PRO A 31 -3.09 -18.81 -6.13
N GLY A 32 -3.26 -17.49 -5.97
CA GLY A 32 -2.76 -16.77 -4.82
C GLY A 32 -1.56 -15.89 -5.09
N VAL A 33 -0.77 -16.21 -6.11
CA VAL A 33 0.51 -15.54 -6.33
C VAL A 33 0.51 -14.90 -7.72
N SER A 34 1.25 -13.80 -7.84
CA SER A 34 1.48 -13.13 -9.12
C SER A 34 2.90 -12.61 -9.16
N ILE A 35 3.49 -12.63 -10.36
CA ILE A 35 4.83 -12.11 -10.59
C ILE A 35 4.76 -11.03 -11.65
N ILE A 36 5.56 -9.98 -11.47
CA ILE A 36 5.72 -8.92 -12.46
C ILE A 36 7.20 -8.86 -12.81
N THR A 37 7.53 -9.12 -14.08
CA THR A 37 8.91 -9.14 -14.50
C THR A 37 9.39 -7.73 -14.85
N ALA A 38 10.69 -7.62 -15.09
CA ALA A 38 11.26 -6.36 -15.59
C ALA A 38 10.80 -6.08 -17.02
N GLU A 39 10.70 -7.12 -17.84
CA GLU A 39 10.08 -6.98 -19.16
C GLU A 39 8.63 -6.52 -19.04
N ASP A 40 7.94 -6.95 -17.98
CA ASP A 40 6.57 -6.50 -17.75
C ASP A 40 6.53 -5.01 -17.46
N ILE A 41 7.46 -4.53 -16.62
CA ILE A 41 7.52 -3.11 -16.31
C ILE A 41 7.88 -2.30 -17.54
N ALA A 42 8.84 -2.79 -18.33
CA ALA A 42 9.29 -2.04 -19.49
C ALA A 42 8.20 -1.97 -20.56
N LYS A 43 7.27 -2.91 -20.57
CA LYS A 43 6.23 -2.92 -21.58
C LYS A 43 4.99 -2.14 -21.17
N ARG A 44 4.77 -1.96 -19.87
CA ARG A 44 3.72 -1.07 -19.35
C ARG A 44 4.36 -0.18 -18.31
N PRO A 45 5.11 0.84 -18.75
CA PRO A 45 5.96 1.59 -17.83
C PRO A 45 5.14 2.46 -16.90
N PRO A 46 5.49 2.48 -15.62
CA PRO A 46 4.80 3.38 -14.68
C PRO A 46 5.24 4.83 -14.90
N SER A 47 4.37 5.74 -14.47
CA SER A 47 4.74 7.15 -14.48
C SER A 47 5.81 7.44 -13.43
N ASN A 48 5.63 6.90 -12.23
CA ASN A 48 6.58 7.11 -11.14
C ASN A 48 6.42 6.01 -10.11
N ASP A 49 5.25 5.95 -9.49
CA ASP A 49 4.98 4.98 -8.45
C ASP A 49 4.69 3.62 -9.06
N LEU A 50 5.22 2.58 -8.43
CA LEU A 50 4.99 1.21 -8.89
C LEU A 50 3.56 0.73 -8.65
N SER A 51 2.76 1.45 -7.86
CA SER A 51 1.38 1.07 -7.66
C SER A 51 0.61 1.02 -8.97
N GLN A 52 1.06 1.80 -9.97
CA GLN A 52 0.37 1.85 -11.25
C GLN A 52 0.36 0.48 -11.93
N ILE A 53 1.44 -0.29 -11.77
CA ILE A 53 1.55 -1.58 -12.45
C ILE A 53 1.23 -2.71 -11.48
N ILE A 54 1.51 -2.50 -10.19
CA ILE A 54 1.19 -3.52 -9.19
C ILE A 54 -0.31 -3.74 -9.11
N ARG A 55 -1.09 -2.68 -9.28
CA ARG A 55 -2.54 -2.76 -9.11
C ARG A 55 -3.22 -3.62 -10.17
N THR A 56 -2.55 -3.89 -11.29
CA THR A 56 -3.17 -4.65 -12.38
C THR A 56 -3.12 -6.16 -12.14
N MET A 57 -2.72 -6.60 -10.95
CA MET A 57 -2.70 -8.02 -10.63
C MET A 57 -4.06 -8.48 -10.13
N PRO A 58 -4.34 -9.78 -10.23
CA PRO A 58 -5.61 -10.30 -9.69
C PRO A 58 -5.69 -10.08 -8.19
N GLY A 59 -6.88 -9.74 -7.72
CA GLY A 59 -7.09 -9.50 -6.30
C GLY A 59 -6.44 -8.24 -5.75
N VAL A 60 -6.00 -7.33 -6.60
CA VAL A 60 -5.31 -6.12 -6.18
C VAL A 60 -6.10 -4.91 -6.67
N ASN A 61 -6.30 -3.94 -5.77
CA ASN A 61 -6.99 -2.71 -6.09
C ASN A 61 -6.19 -1.52 -5.58
N LEU A 62 -6.54 -0.34 -6.07
CA LEU A 62 -5.98 0.92 -5.61
C LEU A 62 -7.07 1.69 -4.89
N THR A 63 -6.99 1.74 -3.56
CA THR A 63 -8.01 2.41 -2.76
C THR A 63 -7.39 2.92 -1.48
N GLY A 64 -8.22 3.63 -0.70
CA GLY A 64 -7.84 4.04 0.63
C GLY A 64 -8.11 2.94 1.64
N ASN A 65 -7.82 3.24 2.90
CA ASN A 65 -7.96 2.25 3.94
C ASN A 65 -9.37 2.21 4.54
N SER A 66 -10.21 3.19 4.24
CA SER A 66 -11.57 3.19 4.74
C SER A 66 -12.47 3.89 3.73
N SER A 67 -13.67 4.24 4.16
CA SER A 67 -14.71 4.78 3.28
C SER A 67 -14.93 6.27 3.45
N SER A 68 -14.08 6.97 4.21
CA SER A 68 -14.31 8.39 4.45
C SER A 68 -14.17 9.22 3.18
N GLY A 69 -13.37 8.75 2.22
CA GLY A 69 -12.98 9.55 1.09
C GLY A 69 -11.90 10.56 1.39
N GLN A 70 -11.52 10.72 2.66
CA GLN A 70 -10.46 11.66 3.02
C GLN A 70 -9.14 11.22 2.40
N ARG A 71 -8.38 12.20 1.89
CA ARG A 71 -7.14 11.93 1.17
C ARG A 71 -7.38 10.92 0.05
N GLY A 72 -8.43 11.19 -0.74
CA GLY A 72 -8.88 10.24 -1.74
C GLY A 72 -7.98 10.12 -2.94
N ASN A 73 -7.13 11.10 -3.20
CA ASN A 73 -6.16 11.02 -4.27
C ASN A 73 -4.84 10.44 -3.82
N ASN A 74 -4.79 9.84 -2.63
CA ASN A 74 -3.59 9.16 -2.15
C ASN A 74 -3.89 7.69 -1.93
N ARG A 75 -4.25 6.98 -2.99
CA ARG A 75 -4.67 5.59 -2.91
C ARG A 75 -3.46 4.67 -2.98
N GLN A 76 -3.47 3.62 -2.18
CA GLN A 76 -2.37 2.67 -2.08
C GLN A 76 -2.84 1.27 -2.44
N ILE A 77 -1.88 0.35 -2.54
CA ILE A 77 -2.18 -1.00 -2.99
C ILE A 77 -3.02 -1.73 -1.95
N ASP A 78 -4.15 -2.28 -2.39
CA ASP A 78 -5.04 -3.05 -1.55
C ASP A 78 -5.18 -4.46 -2.11
N ILE A 79 -5.04 -5.45 -1.25
CA ILE A 79 -5.10 -6.85 -1.67
C ILE A 79 -6.36 -7.48 -1.07
N ARG A 80 -7.27 -7.89 -1.96
CA ARG A 80 -8.47 -8.64 -1.59
C ARG A 80 -9.38 -7.84 -0.66
N GLY A 81 -9.38 -6.52 -0.80
CA GLY A 81 -10.27 -5.67 -0.03
C GLY A 81 -9.95 -5.56 1.44
N MET A 82 -8.73 -5.89 1.84
CA MET A 82 -8.34 -5.87 3.25
C MET A 82 -7.72 -4.54 3.68
N GLY A 83 -7.64 -3.55 2.79
CA GLY A 83 -7.06 -2.28 3.13
C GLY A 83 -5.56 -2.27 2.90
N PRO A 84 -5.02 -1.10 2.54
CA PRO A 84 -3.57 -1.01 2.34
C PRO A 84 -2.77 -1.20 3.61
N GLU A 85 -3.35 -0.91 4.79
CA GLU A 85 -2.66 -1.15 6.04
C GLU A 85 -2.32 -2.61 6.24
N ASN A 86 -3.01 -3.52 5.55
CA ASN A 86 -2.74 -4.95 5.58
C ASN A 86 -2.08 -5.41 4.29
N THR A 87 -1.17 -4.59 3.75
CA THR A 87 -0.42 -4.91 2.54
C THR A 87 1.05 -4.65 2.83
N LEU A 88 1.79 -5.70 3.15
CA LEU A 88 3.17 -5.59 3.57
C LEU A 88 4.07 -5.36 2.36
N ILE A 89 4.78 -4.24 2.34
CA ILE A 89 5.69 -3.89 1.25
C ILE A 89 7.10 -4.31 1.65
N LEU A 90 7.71 -5.18 0.85
CA LEU A 90 9.09 -5.62 1.07
C LEU A 90 9.97 -5.16 -0.08
N VAL A 91 11.25 -4.97 0.22
CA VAL A 91 12.26 -4.71 -0.80
C VAL A 91 13.38 -5.72 -0.58
N ASP A 92 13.47 -6.70 -1.48
CA ASP A 92 14.44 -7.79 -1.36
C ASP A 92 14.29 -8.51 -0.02
N GLY A 93 13.05 -8.63 0.44
CA GLY A 93 12.73 -9.31 1.68
C GLY A 93 12.72 -8.42 2.90
N LYS A 94 13.30 -7.23 2.83
CA LYS A 94 13.35 -6.33 3.99
C LYS A 94 12.14 -5.41 3.99
N PRO A 95 11.43 -5.29 5.12
CA PRO A 95 10.18 -4.54 5.14
C PRO A 95 10.38 -3.04 4.95
N VAL A 96 9.28 -2.39 4.55
CA VAL A 96 9.20 -0.94 4.42
C VAL A 96 8.08 -0.46 5.32
N SER A 97 8.42 0.34 6.33
CA SER A 97 7.46 0.81 7.32
C SER A 97 7.39 2.34 7.39
N SER A 98 7.87 3.03 6.35
CA SER A 98 7.99 4.49 6.43
C SER A 98 6.65 5.17 6.61
N ARG A 99 5.59 4.63 6.01
CA ARG A 99 4.27 5.25 6.11
C ARG A 99 3.70 5.17 7.52
N ASN A 100 4.31 4.39 8.41
CA ASN A 100 3.89 4.40 9.81
C ASN A 100 4.32 5.67 10.54
N SER A 101 5.11 6.53 9.90
CA SER A 101 5.52 7.80 10.47
C SER A 101 4.55 8.93 10.15
N VAL A 102 3.37 8.61 9.62
CA VAL A 102 2.38 9.60 9.21
C VAL A 102 1.13 9.40 10.07
N ARG A 103 0.51 10.51 10.47
CA ARG A 103 -0.58 10.49 11.43
C ARG A 103 -1.74 9.63 10.92
N TYR A 104 -2.15 8.66 11.74
CA TYR A 104 -3.26 7.78 11.42
C TYR A 104 -4.55 8.46 11.87
N GLY A 105 -5.33 8.95 10.90
CA GLY A 105 -6.47 9.78 11.19
C GLY A 105 -7.63 9.05 11.83
N TRP A 106 -8.63 9.85 12.24
CA TRP A 106 -9.84 9.30 12.84
C TRP A 106 -10.48 8.25 11.95
N ARG A 107 -10.54 8.51 10.64
CA ARG A 107 -11.19 7.61 9.70
C ARG A 107 -10.21 6.63 9.07
N GLY A 108 -9.07 6.38 9.71
CA GLY A 108 -8.12 5.41 9.23
C GLY A 108 -7.42 5.78 7.94
N GLU A 109 -7.09 7.06 7.75
CA GLU A 109 -6.42 7.53 6.54
C GLU A 109 -5.25 8.42 6.91
N ARG A 110 -4.03 7.95 6.64
CA ARG A 110 -2.86 8.78 6.73
C ARG A 110 -2.75 9.65 5.48
N ASP A 111 -2.20 10.84 5.65
CA ASP A 111 -1.88 11.70 4.51
C ASP A 111 -0.54 11.24 3.92
N SER A 112 -0.58 10.05 3.33
CA SER A 112 0.61 9.39 2.82
C SER A 112 0.34 8.83 1.44
N ARG A 113 1.38 8.80 0.61
CA ARG A 113 1.28 8.28 -0.75
C ARG A 113 1.64 6.80 -0.84
N GLY A 114 1.84 6.13 0.29
CA GLY A 114 2.19 4.72 0.28
C GLY A 114 3.69 4.51 0.24
N ASP A 115 4.06 3.23 0.25
CA ASP A 115 5.46 2.83 0.29
C ASP A 115 5.85 2.01 -0.93
N THR A 116 5.35 2.38 -2.10
CA THR A 116 5.72 1.70 -3.34
C THR A 116 6.57 2.58 -4.25
N ASN A 117 6.83 3.82 -3.86
CA ASN A 117 7.60 4.75 -4.67
C ASN A 117 9.04 4.85 -4.22
N TRP A 118 9.50 3.93 -3.35
CA TRP A 118 10.85 4.04 -2.81
C TRP A 118 11.89 3.47 -3.76
N VAL A 119 11.55 2.46 -4.55
CA VAL A 119 12.47 1.87 -5.51
C VAL A 119 12.07 2.34 -6.90
N PRO A 120 12.99 2.88 -7.69
CA PRO A 120 12.64 3.31 -9.04
C PRO A 120 12.21 2.13 -9.90
N ALA A 121 11.32 2.43 -10.85
CA ALA A 121 10.69 1.38 -11.65
C ALA A 121 11.72 0.60 -12.46
N ASP A 122 12.61 1.30 -13.14
CA ASP A 122 13.52 0.67 -14.08
C ASP A 122 14.75 0.04 -13.44
N GLN A 123 14.82 0.02 -12.11
CA GLN A 123 15.84 -0.74 -11.40
C GLN A 123 15.28 -1.96 -10.70
N VAL A 124 14.03 -2.30 -10.97
CA VAL A 124 13.39 -3.45 -10.35
C VAL A 124 13.56 -4.65 -11.27
N GLU A 125 14.10 -5.74 -10.73
CA GLU A 125 14.17 -6.98 -11.48
C GLU A 125 12.79 -7.62 -11.62
N ARG A 126 12.12 -7.83 -10.50
CA ARG A 126 10.78 -8.39 -10.53
C ARG A 126 10.04 -8.02 -9.25
N ILE A 127 8.72 -8.19 -9.28
CA ILE A 127 7.87 -7.92 -8.14
C ILE A 127 7.04 -9.15 -7.85
N GLU A 128 7.06 -9.61 -6.60
CA GLU A 128 6.23 -10.71 -6.15
C GLU A 128 5.02 -10.19 -5.41
N VAL A 129 3.86 -10.79 -5.67
CA VAL A 129 2.62 -10.44 -4.98
C VAL A 129 2.03 -11.74 -4.44
N ILE A 130 2.08 -11.91 -3.12
CA ILE A 130 1.57 -13.12 -2.46
C ILE A 130 0.33 -12.71 -1.67
N ARG A 131 -0.81 -13.33 -1.99
CA ARG A 131 -2.11 -12.89 -1.47
C ARG A 131 -2.73 -13.99 -0.63
N GLY A 132 -3.28 -13.60 0.52
CA GLY A 132 -4.16 -14.46 1.28
C GLY A 132 -3.45 -15.42 2.22
N PRO A 133 -3.84 -16.69 2.17
CA PRO A 133 -3.27 -17.66 3.12
C PRO A 133 -1.82 -18.02 2.82
N ALA A 134 -1.36 -17.85 1.59
CA ALA A 134 0.05 -18.06 1.27
C ALA A 134 0.93 -16.92 1.76
N ALA A 135 0.36 -15.89 2.37
CA ALA A 135 1.10 -14.73 2.83
C ALA A 135 1.07 -14.54 4.34
N ALA A 136 0.17 -15.23 5.05
CA ALA A 136 0.07 -15.08 6.49
C ALA A 136 1.37 -15.46 7.19
N ARG A 137 2.16 -16.35 6.58
CA ARG A 137 3.43 -16.76 7.18
C ARG A 137 4.41 -15.60 7.28
N TYR A 138 4.26 -14.58 6.43
CA TYR A 138 5.18 -13.45 6.49
C TYR A 138 4.98 -12.63 7.76
N GLY A 139 3.80 -12.70 8.37
CA GLY A 139 3.62 -12.17 9.70
C GLY A 139 2.74 -10.94 9.83
N ASN A 140 3.22 -9.95 10.60
CA ASN A 140 2.41 -8.80 10.98
C ASN A 140 2.23 -7.87 9.79
N GLY A 141 0.98 -7.58 9.45
CA GLY A 141 0.66 -6.73 8.32
C GLY A 141 0.49 -7.44 7.00
N ALA A 142 0.39 -8.77 7.00
CA ALA A 142 0.21 -9.54 5.78
C ALA A 142 -1.18 -10.18 5.71
N ALA A 143 -2.18 -9.56 6.34
CA ALA A 143 -3.53 -10.10 6.29
C ALA A 143 -4.11 -10.02 4.88
N GLY A 144 -3.89 -8.91 4.20
CA GLY A 144 -4.22 -8.82 2.79
C GLY A 144 -3.23 -9.61 1.97
N GLY A 145 -1.98 -9.16 1.94
CA GLY A 145 -0.96 -9.86 1.19
C GLY A 145 0.40 -9.21 1.36
N VAL A 146 1.34 -9.67 0.53
CA VAL A 146 2.73 -9.23 0.59
C VAL A 146 3.18 -8.83 -0.81
N VAL A 147 3.90 -7.72 -0.92
CA VAL A 147 4.46 -7.24 -2.17
C VAL A 147 5.96 -7.06 -1.97
N ASN A 148 6.76 -7.93 -2.60
CA ASN A 148 8.21 -7.89 -2.48
C ASN A 148 8.78 -7.28 -3.75
N ILE A 149 9.35 -6.08 -3.61
CA ILE A 149 9.97 -5.38 -4.73
C ILE A 149 11.43 -5.80 -4.79
N ILE A 150 11.80 -6.54 -5.83
CA ILE A 150 13.11 -7.15 -5.95
C ILE A 150 13.93 -6.37 -6.97
N THR A 151 15.14 -5.98 -6.58
CA THR A 151 16.00 -5.14 -7.39
C THR A 151 16.97 -5.97 -8.22
N LYS A 152 17.40 -5.41 -9.34
CA LYS A 152 18.40 -6.06 -10.18
C LYS A 152 19.74 -6.08 -9.47
N GLN A 153 20.40 -7.24 -9.49
CA GLN A 153 21.65 -7.44 -8.77
C GLN A 153 22.82 -7.45 -9.74
N ALA A 154 24.00 -7.73 -9.20
CA ALA A 154 25.20 -7.84 -10.01
C ALA A 154 25.33 -9.25 -10.57
N GLY A 155 25.86 -9.34 -11.78
CA GLY A 155 26.08 -10.60 -12.45
C GLY A 155 27.50 -11.11 -12.23
N ALA A 156 27.94 -11.98 -13.14
CA ALA A 156 29.32 -12.43 -13.11
C ALA A 156 30.26 -11.43 -13.78
N GLU A 157 29.75 -10.60 -14.68
CA GLU A 157 30.51 -9.53 -15.28
C GLU A 157 30.06 -8.20 -14.66
N THR A 158 30.47 -7.10 -15.26
CA THR A 158 30.01 -5.77 -14.89
C THR A 158 29.00 -5.28 -15.93
N HIS A 159 27.85 -4.82 -15.45
CA HIS A 159 26.80 -4.31 -16.32
C HIS A 159 26.31 -2.97 -15.79
N GLY A 160 25.57 -2.25 -16.64
CA GLY A 160 25.05 -0.95 -16.28
C GLY A 160 23.92 -0.56 -17.20
N ASN A 161 23.06 0.32 -16.72
CA ASN A 161 21.91 0.74 -17.50
C ASN A 161 21.57 2.20 -17.22
N LEU A 162 20.81 2.79 -18.14
CA LEU A 162 20.37 4.18 -18.02
C LEU A 162 18.99 4.29 -18.64
N SER A 163 18.00 4.66 -17.83
CA SER A 163 16.61 4.69 -18.25
C SER A 163 16.02 6.08 -18.07
N VAL A 164 15.16 6.47 -19.02
CA VAL A 164 14.56 7.80 -19.03
C VAL A 164 13.12 7.68 -19.49
N TYR A 165 12.18 8.06 -18.63
CA TYR A 165 10.77 8.09 -18.94
C TYR A 165 10.26 9.53 -18.84
N SER A 166 9.28 9.87 -19.68
CA SER A 166 8.71 11.21 -19.70
C SER A 166 7.35 11.15 -20.37
N ASN A 167 6.32 11.64 -19.70
CA ASN A 167 4.96 11.64 -20.23
C ASN A 167 4.46 13.06 -20.47
N PHE A 168 3.40 13.16 -21.28
CA PHE A 168 2.83 14.44 -21.70
C PHE A 168 1.32 14.32 -21.77
N PRO A 169 0.61 14.68 -20.69
CA PRO A 169 -0.85 14.60 -20.71
C PRO A 169 -1.45 15.61 -21.69
N GLN A 170 -2.55 15.18 -22.33
CA GLN A 170 -3.24 16.05 -23.28
C GLN A 170 -3.72 17.33 -22.60
N HIS A 171 -4.28 17.22 -21.40
CA HIS A 171 -4.77 18.38 -20.66
C HIS A 171 -3.66 18.90 -19.74
N LYS A 172 -3.45 20.21 -19.77
CA LYS A 172 -2.33 20.81 -19.04
C LYS A 172 -2.55 20.78 -17.52
N ALA A 173 -3.79 20.65 -17.06
CA ALA A 173 -4.05 20.71 -15.63
C ALA A 173 -3.43 19.52 -14.91
N GLU A 174 -3.38 18.36 -15.56
CA GLU A 174 -2.85 17.16 -14.94
C GLU A 174 -1.33 17.17 -14.99
N GLY A 175 -0.70 16.85 -13.87
CA GLY A 175 0.75 16.92 -13.80
C GLY A 175 1.43 15.81 -14.55
N ALA A 176 2.55 16.14 -15.18
CA ALA A 176 3.35 15.20 -15.95
C ALA A 176 4.50 14.65 -15.13
N SER A 177 4.98 13.47 -15.50
CA SER A 177 6.05 12.79 -14.80
C SER A 177 7.31 12.72 -15.66
N GLU A 178 8.46 12.87 -15.02
CA GLU A 178 9.75 12.72 -15.66
C GLU A 178 10.65 11.90 -14.74
N ARG A 179 11.36 10.93 -15.32
CA ARG A 179 12.06 9.95 -14.51
C ARG A 179 13.38 9.58 -15.18
N MET A 180 14.48 9.67 -14.42
CA MET A 180 15.81 9.31 -14.89
C MET A 180 16.48 8.47 -13.82
N SER A 181 16.92 7.27 -14.19
CA SER A 181 17.57 6.37 -13.26
C SER A 181 18.76 5.72 -13.95
N PHE A 182 19.64 5.14 -13.13
CA PHE A 182 20.79 4.40 -13.64
C PHE A 182 21.03 3.21 -12.74
N GLY A 183 21.72 2.22 -13.28
CA GLY A 183 22.18 1.08 -12.50
C GLY A 183 23.58 0.71 -12.92
N LEU A 184 24.33 0.15 -11.97
CA LEU A 184 25.72 -0.19 -12.21
C LEU A 184 26.11 -1.33 -11.28
N ASN A 185 26.70 -2.38 -11.85
CA ASN A 185 26.94 -3.61 -11.10
C ASN A 185 28.19 -4.29 -11.63
N GLY A 186 28.65 -5.30 -10.90
CA GLY A 186 29.81 -6.06 -11.29
C GLY A 186 30.62 -6.57 -10.11
N PRO A 187 31.70 -7.28 -10.40
CA PRO A 187 32.64 -7.68 -9.34
C PRO A 187 33.80 -6.72 -9.21
N LEU A 188 34.47 -6.81 -8.06
CA LEU A 188 35.69 -6.03 -7.79
C LEU A 188 36.88 -6.97 -7.57
N THR A 189 36.82 -7.85 -6.58
CA THR A 189 37.79 -8.92 -6.48
C THR A 189 37.20 -10.19 -7.08
N GLU A 190 37.63 -11.36 -6.59
CA GLU A 190 36.96 -12.61 -6.93
C GLU A 190 35.98 -13.06 -5.86
N ASN A 191 35.94 -12.37 -4.72
CA ASN A 191 34.98 -12.67 -3.67
C ASN A 191 34.17 -11.44 -3.30
N LEU A 192 34.17 -10.40 -4.14
CA LEU A 192 33.51 -9.14 -3.83
C LEU A 192 32.80 -8.64 -5.08
N SER A 193 31.50 -8.38 -4.96
CA SER A 193 30.70 -7.79 -6.02
C SER A 193 29.97 -6.57 -5.47
N TYR A 194 29.41 -5.77 -6.37
CA TYR A 194 28.74 -4.54 -5.99
C TYR A 194 27.59 -4.24 -6.95
N ARG A 195 26.61 -3.50 -6.45
CA ARG A 195 25.53 -2.96 -7.26
C ARG A 195 25.11 -1.63 -6.68
N VAL A 196 24.98 -0.62 -7.53
CA VAL A 196 24.47 0.68 -7.12
C VAL A 196 23.41 1.13 -8.11
N TYR A 197 22.52 2.01 -7.65
CA TYR A 197 21.58 2.65 -8.55
C TYR A 197 21.18 3.99 -7.97
N GLY A 198 20.92 4.95 -8.85
CA GLY A 198 20.43 6.25 -8.46
C GLY A 198 19.27 6.64 -9.35
N ASN A 199 18.32 7.35 -8.76
CA ASN A 199 17.11 7.75 -9.48
C ASN A 199 16.73 9.17 -9.08
N ILE A 200 16.32 9.94 -10.06
CA ILE A 200 15.76 11.28 -9.87
C ILE A 200 14.49 11.37 -10.69
N ALA A 201 13.37 11.67 -10.03
CA ALA A 201 12.09 11.72 -10.72
C ALA A 201 11.25 12.84 -10.13
N LYS A 202 10.29 13.31 -10.93
CA LYS A 202 9.38 14.37 -10.51
C LYS A 202 8.04 14.17 -11.17
N THR A 203 6.99 14.05 -10.37
CA THR A 203 5.62 14.07 -10.86
C THR A 203 5.01 15.42 -10.50
N ASP A 204 4.75 16.24 -11.51
CA ASP A 204 4.12 17.52 -11.28
C ASP A 204 2.76 17.32 -10.61
N SER A 205 2.42 18.23 -9.69
CA SER A 205 1.10 18.20 -9.09
C SER A 205 0.05 18.61 -10.12
N ASP A 206 -1.16 18.08 -9.94
CA ASP A 206 -2.28 18.60 -10.70
C ASP A 206 -2.56 20.03 -10.29
N ASP A 207 -3.08 20.82 -11.23
CA ASP A 207 -3.37 22.21 -10.93
C ASP A 207 -4.39 22.31 -9.80
N TRP A 208 -4.32 23.43 -9.06
CA TRP A 208 -5.19 23.61 -7.89
C TRP A 208 -6.66 23.54 -8.27
N ASP A 209 -7.02 24.09 -9.42
CA ASP A 209 -8.42 24.20 -9.84
C ASP A 209 -8.82 23.11 -10.82
N ILE A 210 -8.14 21.97 -10.80
CA ILE A 210 -8.43 20.92 -11.77
C ILE A 210 -9.82 20.37 -11.58
N ASN A 211 -10.33 20.41 -10.34
CA ASN A 211 -11.65 19.89 -10.03
C ASN A 211 -12.73 20.98 -10.03
N ALA A 212 -12.42 22.18 -10.51
CA ALA A 212 -13.39 23.27 -10.52
C ALA A 212 -14.52 22.94 -11.48
N GLY A 213 -15.76 23.10 -11.00
CA GLY A 213 -16.95 22.72 -11.71
C GLY A 213 -17.47 21.34 -11.37
N HIS A 214 -16.58 20.43 -10.98
CA HIS A 214 -16.99 19.10 -10.56
C HIS A 214 -17.14 18.97 -9.05
N GLU A 215 -16.74 20.00 -8.30
CA GLU A 215 -16.78 19.95 -6.85
C GLU A 215 -18.21 19.76 -6.34
N SER A 216 -18.32 19.28 -5.11
CA SER A 216 -19.62 19.16 -4.46
C SER A 216 -20.17 20.55 -4.17
N ASN A 217 -21.43 20.58 -3.75
CA ASN A 217 -22.08 21.85 -3.42
C ASN A 217 -21.42 22.43 -2.17
N ARG A 218 -20.95 23.67 -2.28
CA ARG A 218 -20.22 24.32 -1.20
C ARG A 218 -20.84 25.69 -0.95
N THR A 219 -21.40 25.86 0.25
CA THR A 219 -22.13 27.07 0.61
C THR A 219 -21.68 27.52 1.99
N GLY A 220 -22.01 28.78 2.31
CA GLY A 220 -21.67 29.31 3.61
C GLY A 220 -20.20 29.67 3.70
N LYS A 221 -19.58 29.33 4.83
CA LYS A 221 -18.16 29.61 5.03
C LYS A 221 -17.27 28.75 4.15
N GLN A 222 -17.79 27.60 3.67
CA GLN A 222 -17.02 26.70 2.84
C GLN A 222 -17.21 26.97 1.35
N ALA A 223 -17.74 28.13 0.99
CA ALA A 223 -17.97 28.44 -0.42
C ALA A 223 -16.64 28.58 -1.15
N GLY A 224 -16.56 27.95 -2.32
CA GLY A 224 -15.39 28.02 -3.17
C GLY A 224 -14.33 26.97 -2.89
N THR A 225 -14.32 26.40 -1.68
CA THR A 225 -13.34 25.40 -1.32
C THR A 225 -13.36 24.24 -2.31
N LEU A 226 -12.19 23.91 -2.85
CA LEU A 226 -12.17 22.87 -3.85
C LEU A 226 -11.53 21.60 -3.33
N PRO A 227 -12.03 20.44 -3.74
CA PRO A 227 -11.26 19.20 -3.56
C PRO A 227 -10.05 19.22 -4.47
N ALA A 228 -8.92 18.77 -3.94
CA ALA A 228 -7.66 18.90 -4.64
C ALA A 228 -7.43 17.75 -5.59
N GLY A 229 -6.55 17.99 -6.56
CA GLY A 229 -6.09 16.95 -7.46
C GLY A 229 -5.01 16.10 -6.82
N ARG A 230 -4.19 15.49 -7.69
CA ARG A 230 -3.16 14.58 -7.22
C ARG A 230 -1.96 15.35 -6.68
N GLU A 231 -1.54 14.99 -5.47
CA GLU A 231 -0.31 15.53 -4.90
C GLU A 231 0.88 15.15 -5.76
N GLY A 232 1.77 16.12 -5.98
CA GLY A 232 3.01 15.87 -6.69
C GLY A 232 4.08 15.32 -5.78
N VAL A 233 5.23 14.99 -6.37
CA VAL A 233 6.33 14.40 -5.62
C VAL A 233 7.62 14.60 -6.39
N ARG A 234 8.69 14.92 -5.66
CA ARG A 234 10.06 14.88 -6.17
C ARG A 234 10.78 13.70 -5.55
N ASN A 235 11.54 12.97 -6.37
CA ASN A 235 12.16 11.72 -5.93
C ASN A 235 13.67 11.79 -6.08
N LYS A 236 14.37 11.52 -4.97
CA LYS A 236 15.82 11.37 -4.94
C LYS A 236 16.12 10.03 -4.29
N ASP A 237 16.52 9.04 -5.08
CA ASP A 237 16.79 7.71 -4.57
C ASP A 237 18.24 7.32 -4.87
N ILE A 238 18.92 6.79 -3.86
CA ILE A 238 20.32 6.39 -3.99
C ILE A 238 20.54 5.12 -3.18
N ASP A 239 21.12 4.09 -3.80
CA ASP A 239 21.39 2.84 -3.10
C ASP A 239 22.63 2.19 -3.71
N GLY A 240 23.45 1.60 -2.84
CA GLY A 240 24.61 0.86 -3.29
C GLY A 240 24.77 -0.39 -2.44
N LEU A 241 25.27 -1.45 -3.07
CA LEU A 241 25.37 -2.75 -2.43
C LEU A 241 26.79 -3.29 -2.56
N LEU A 242 27.21 -4.03 -1.53
CA LEU A 242 28.49 -4.75 -1.54
C LEU A 242 28.22 -6.20 -1.15
N SER A 243 28.49 -7.11 -2.08
CA SER A 243 28.32 -8.54 -1.85
C SER A 243 29.70 -9.17 -1.67
N TRP A 244 29.96 -9.70 -0.48
CA TRP A 244 31.25 -10.29 -0.12
C TRP A 244 31.03 -11.78 0.12
N ARG A 245 31.45 -12.60 -0.83
CA ARG A 245 31.32 -14.06 -0.69
C ARG A 245 32.64 -14.60 -0.14
N LEU A 246 32.73 -14.63 1.18
CA LEU A 246 34.00 -14.93 1.84
C LEU A 246 34.44 -16.37 1.60
N THR A 247 33.49 -17.32 1.64
CA THR A 247 33.81 -18.72 1.41
C THR A 247 33.00 -19.24 0.23
N PRO A 248 33.26 -20.47 -0.24
CA PRO A 248 32.36 -21.06 -1.24
C PRO A 248 30.90 -21.06 -0.83
N GLU A 249 30.63 -21.31 0.46
CA GLU A 249 29.27 -21.51 0.95
C GLU A 249 28.66 -20.28 1.60
N GLN A 250 29.43 -19.20 1.77
CA GLN A 250 29.03 -18.10 2.62
C GLN A 250 29.17 -16.77 1.90
N THR A 251 28.13 -15.95 1.95
CA THR A 251 28.09 -14.63 1.33
C THR A 251 27.57 -13.62 2.34
N LEU A 252 28.24 -12.47 2.42
CA LEU A 252 27.84 -11.40 3.32
C LEU A 252 27.68 -10.12 2.52
N GLU A 253 26.52 -9.46 2.68
CA GLU A 253 26.17 -8.31 1.86
C GLU A 253 25.92 -7.09 2.74
N PHE A 254 26.46 -5.95 2.31
CA PHE A 254 26.14 -4.65 2.88
C PHE A 254 25.48 -3.79 1.80
N GLU A 255 24.44 -3.06 2.18
CA GLU A 255 23.86 -2.07 1.27
C GLU A 255 23.25 -0.95 2.09
N ALA A 256 23.28 0.26 1.51
CA ALA A 256 22.74 1.46 2.14
C ALA A 256 21.83 2.19 1.17
N GLY A 257 20.78 2.81 1.70
CA GLY A 257 19.83 3.52 0.87
C GLY A 257 19.46 4.89 1.37
N PHE A 258 19.47 5.89 0.49
CA PHE A 258 19.08 7.26 0.82
C PHE A 258 18.00 7.69 -0.15
N SER A 259 16.80 7.96 0.37
CA SER A 259 15.66 8.34 -0.44
C SER A 259 15.01 9.58 0.13
N ARG A 260 14.56 10.47 -0.76
CA ARG A 260 13.87 11.70 -0.38
C ARG A 260 12.65 11.88 -1.26
N GLN A 261 11.53 12.27 -0.65
CA GLN A 261 10.27 12.52 -1.36
C GLN A 261 9.69 13.84 -0.86
N GLY A 262 10.00 14.92 -1.55
CA GLY A 262 9.29 16.18 -1.36
C GLY A 262 8.08 16.25 -2.28
N ASN A 263 7.00 16.81 -1.76
CA ASN A 263 5.74 16.88 -2.48
C ASN A 263 5.60 18.20 -3.24
N ILE A 264 4.47 18.33 -3.92
CA ILE A 264 4.04 19.61 -4.51
C ILE A 264 2.56 19.74 -4.15
N TYR A 265 2.26 20.64 -3.22
CA TYR A 265 0.93 20.71 -2.64
C TYR A 265 -0.04 21.39 -3.60
N THR A 266 -1.25 20.83 -3.71
CA THR A 266 -2.26 21.36 -4.63
C THR A 266 -3.61 21.51 -3.95
N GLY A 267 -3.63 21.67 -2.63
CA GLY A 267 -4.83 22.02 -1.91
C GLY A 267 -5.46 20.91 -1.09
N ASP A 268 -4.79 19.76 -0.97
CA ASP A 268 -5.38 18.62 -0.28
C ASP A 268 -5.53 18.89 1.22
N THR A 269 -6.77 18.80 1.70
CA THR A 269 -7.05 18.79 3.12
C THR A 269 -7.99 17.63 3.42
N GLN A 270 -8.05 17.24 4.68
CA GLN A 270 -8.82 16.06 5.08
C GLN A 270 -10.29 16.22 4.71
N ASN A 271 -10.88 17.37 5.04
CA ASN A 271 -12.30 17.60 4.85
C ASN A 271 -12.60 18.52 3.67
N THR A 272 -11.62 18.76 2.80
CA THR A 272 -11.71 19.65 1.63
C THR A 272 -11.99 21.10 1.99
N ASN A 273 -11.90 21.47 3.27
CA ASN A 273 -11.99 22.86 3.65
C ASN A 273 -10.67 23.56 3.33
N SER A 274 -10.65 24.88 3.52
CA SER A 274 -9.48 25.67 3.15
C SER A 274 -9.36 26.89 4.04
N ASN A 275 -8.12 27.36 4.19
CA ASN A 275 -7.83 28.63 4.83
C ASN A 275 -6.74 29.33 4.02
N ASN A 276 -6.16 30.40 4.58
CA ASN A 276 -5.18 31.19 3.84
C ASN A 276 -3.82 30.53 3.81
N TYR A 277 -3.47 29.78 4.86
CA TYR A 277 -2.20 29.05 4.87
C TYR A 277 -2.11 28.09 3.69
N VAL A 278 -3.24 27.50 3.29
CA VAL A 278 -3.26 26.57 2.17
C VAL A 278 -2.90 27.29 0.88
N LYS A 279 -3.64 28.36 0.57
CA LYS A 279 -3.42 29.13 -0.67
C LYS A 279 -2.00 29.65 -0.79
N GLN A 280 -1.31 29.85 0.34
CA GLN A 280 0.08 30.29 0.29
C GLN A 280 1.02 29.17 -0.16
N MET A 281 0.66 27.92 0.14
CA MET A 281 1.54 26.78 -0.08
C MET A 281 1.27 26.06 -1.40
N LEU A 282 0.37 26.57 -2.23
CA LEU A 282 0.10 25.92 -3.51
C LEU A 282 1.34 25.92 -4.38
N GLY A 283 1.73 24.74 -4.85
CA GLY A 283 2.96 24.58 -5.60
C GLY A 283 4.20 24.51 -4.75
N HIS A 284 4.09 24.72 -3.45
CA HIS A 284 5.24 24.65 -2.54
C HIS A 284 5.31 23.27 -1.89
N GLU A 285 6.42 23.01 -1.22
CA GLU A 285 6.71 21.72 -0.61
C GLU A 285 6.27 21.76 0.85
N THR A 286 5.17 21.06 1.15
CA THR A 286 4.62 21.06 2.50
C THR A 286 4.93 19.80 3.29
N ASN A 287 5.46 18.75 2.65
CA ASN A 287 5.89 17.57 3.37
C ASN A 287 7.04 16.92 2.61
N ARG A 288 8.04 16.46 3.36
CA ARG A 288 9.18 15.78 2.78
C ARG A 288 9.52 14.56 3.63
N MET A 289 9.81 13.44 2.98
CA MET A 289 10.16 12.20 3.64
C MET A 289 11.60 11.85 3.31
N TYR A 290 12.50 11.98 4.28
CA TYR A 290 13.82 11.39 4.19
C TYR A 290 13.72 9.94 4.66
N ARG A 291 14.20 9.01 3.84
CA ARG A 291 14.21 7.60 4.20
C ARG A 291 15.63 7.07 4.07
N GLU A 292 16.15 6.50 5.17
CA GLU A 292 17.51 5.98 5.23
C GLU A 292 17.46 4.51 5.62
N THR A 293 18.16 3.66 4.86
CA THR A 293 18.13 2.22 5.08
C THR A 293 19.54 1.66 4.96
N TYR A 294 20.03 1.05 6.03
CA TYR A 294 21.26 0.27 6.02
C TYR A 294 20.91 -1.16 6.37
N SER A 295 21.48 -2.13 5.66
CA SER A 295 21.15 -3.52 5.92
C SER A 295 22.37 -4.40 5.70
N VAL A 296 22.63 -5.27 6.67
CA VAL A 296 23.70 -6.26 6.59
C VAL A 296 23.05 -7.61 6.38
N THR A 297 23.29 -8.22 5.22
CA THR A 297 22.67 -9.48 4.83
C THR A 297 23.73 -10.57 4.75
N HIS A 298 23.39 -11.76 5.22
CA HIS A 298 24.28 -12.91 5.22
C HIS A 298 23.57 -14.10 4.62
N ARG A 299 24.28 -14.86 3.77
CA ARG A 299 23.72 -15.99 3.06
C ARG A 299 24.69 -17.17 3.11
N GLY A 300 24.18 -18.33 3.51
CA GLY A 300 25.00 -19.53 3.63
C GLY A 300 24.34 -20.80 3.15
N GLU A 301 25.06 -21.63 2.40
CA GLU A 301 24.46 -22.76 1.69
C GLU A 301 25.45 -23.93 1.69
N TRP A 302 25.09 -25.05 2.29
CA TRP A 302 26.05 -26.14 2.46
C TRP A 302 25.34 -27.49 2.33
N ASP A 303 25.92 -28.53 2.93
CA ASP A 303 25.40 -29.89 2.84
C ASP A 303 23.96 -29.95 3.32
N PHE A 304 23.74 -29.66 4.59
CA PHE A 304 22.41 -29.79 5.18
C PHE A 304 21.38 -28.85 4.56
N GLY A 305 21.81 -27.71 3.99
CA GLY A 305 20.87 -26.82 3.36
C GLY A 305 21.34 -25.39 3.15
N SER A 306 20.43 -24.43 3.35
CA SER A 306 20.68 -23.02 3.09
C SER A 306 20.33 -22.21 4.32
N SER A 307 21.02 -21.08 4.49
CA SER A 307 20.82 -20.21 5.64
C SER A 307 20.79 -18.76 5.19
N LEU A 308 19.96 -17.95 5.85
CA LEU A 308 19.79 -16.55 5.51
C LEU A 308 19.48 -15.76 6.77
N ALA A 309 20.13 -14.62 6.93
CA ALA A 309 19.90 -13.76 8.08
C ALA A 309 20.34 -12.35 7.72
N TYR A 310 19.54 -11.36 8.13
CA TYR A 310 19.87 -9.97 7.85
C TYR A 310 19.48 -9.09 9.02
N LEU A 311 20.11 -7.91 9.07
CA LEU A 311 19.75 -6.82 9.96
C LEU A 311 19.51 -5.59 9.12
N GLN A 312 18.41 -4.88 9.39
CA GLN A 312 18.10 -3.65 8.67
C GLN A 312 17.69 -2.56 9.67
N TYR A 313 18.20 -1.36 9.45
CA TYR A 313 17.81 -0.17 10.19
C TYR A 313 17.18 0.82 9.23
N GLU A 314 15.95 1.24 9.52
CA GLU A 314 15.20 2.16 8.67
C GLU A 314 14.85 3.41 9.48
N LYS A 315 15.50 4.52 9.15
CA LYS A 315 15.24 5.80 9.80
C LYS A 315 14.43 6.67 8.85
N THR A 316 13.18 6.97 9.22
CA THR A 316 12.31 7.80 8.42
C THR A 316 12.07 9.12 9.14
N ARG A 317 12.25 10.22 8.42
CA ARG A 317 11.98 11.56 8.94
C ARG A 317 10.84 12.16 8.13
N ASN A 318 9.68 12.31 8.77
CA ASN A 318 8.48 12.85 8.13
C ASN A 318 8.34 14.30 8.60
N SER A 319 8.85 15.23 7.80
CA SER A 319 8.79 16.65 8.10
C SER A 319 7.68 17.29 7.28
N ARG A 320 6.70 17.87 7.97
CA ARG A 320 5.58 18.52 7.30
C ARG A 320 5.04 19.64 8.17
N ILE A 321 4.19 20.47 7.55
CA ILE A 321 3.59 21.60 8.24
C ILE A 321 2.63 21.10 9.33
N ASN A 322 2.65 21.76 10.48
CA ASN A 322 1.78 21.40 11.57
C ASN A 322 0.31 21.46 11.14
N GLU A 323 -0.48 20.55 11.67
CA GLU A 323 -1.89 20.44 11.33
C GLU A 323 -2.74 20.29 12.58
N GLY A 324 -3.95 20.85 12.52
CA GLY A 324 -4.89 20.72 13.61
C GLY A 324 -5.36 19.29 13.79
N LEU A 325 -6.01 19.05 14.94
CA LEU A 325 -6.40 17.69 15.30
C LEU A 325 -7.83 17.64 15.83
N ALA A 326 -8.67 18.61 15.46
CA ALA A 326 -10.00 18.74 16.03
C ALA A 326 -11.02 18.95 14.93
N GLY A 327 -11.91 17.98 14.75
CA GLY A 327 -13.03 18.07 13.81
C GLY A 327 -12.68 18.49 12.40
N GLY A 328 -13.15 19.68 12.01
CA GLY A 328 -12.85 20.21 10.69
C GLY A 328 -11.43 20.69 10.52
N THR A 329 -10.78 21.10 11.61
CA THR A 329 -9.37 21.47 11.55
C THR A 329 -8.45 20.27 11.54
N GLU A 330 -8.99 19.05 11.64
CA GLU A 330 -8.18 17.86 11.49
C GLU A 330 -7.69 17.74 10.05
N GLY A 331 -6.38 17.64 9.88
CA GLY A 331 -5.81 17.46 8.55
C GLY A 331 -5.81 18.71 7.71
N ILE A 332 -5.53 19.87 8.31
CA ILE A 332 -5.39 21.11 7.59
C ILE A 332 -4.28 21.92 8.25
N PHE A 333 -3.57 22.70 7.44
CA PHE A 333 -2.47 23.51 7.95
C PHE A 333 -2.97 24.43 9.06
N ASP A 334 -2.47 24.22 10.28
CA ASP A 334 -2.91 24.97 11.44
C ASP A 334 -2.11 26.26 11.54
N PRO A 335 -2.72 27.43 11.32
CA PRO A 335 -1.96 28.68 11.30
C PRO A 335 -1.64 29.25 12.67
N ASN A 336 -2.26 28.75 13.74
CA ASN A 336 -1.85 29.16 15.09
C ASN A 336 -0.45 28.66 15.40
N ASN A 337 -0.04 27.55 14.80
CA ASN A 337 1.27 26.95 15.03
C ASN A 337 1.93 26.70 13.69
N ALA A 338 2.22 27.79 12.97
CA ALA A 338 2.79 27.69 11.64
C ALA A 338 4.24 27.21 11.71
N GLY A 339 4.65 26.50 10.68
CA GLY A 339 5.99 25.95 10.60
C GLY A 339 5.96 24.43 10.49
N PHE A 340 7.16 23.88 10.29
CA PHE A 340 7.34 22.45 10.12
C PHE A 340 7.58 21.78 11.47
N TYR A 341 7.04 20.58 11.63
CA TYR A 341 7.48 19.65 12.65
C TYR A 341 8.12 18.45 11.95
N THR A 342 8.70 17.55 12.73
CA THR A 342 9.42 16.40 12.16
C THR A 342 9.10 15.15 12.97
N ALA A 343 8.22 14.31 12.44
CA ALA A 343 7.98 12.99 13.02
C ALA A 343 9.08 12.05 12.56
N THR A 344 9.75 11.41 13.52
CA THR A 344 10.88 10.54 13.25
C THR A 344 10.51 9.10 13.57
N LEU A 345 10.85 8.20 12.65
CA LEU A 345 10.52 6.78 12.79
C LEU A 345 11.80 5.97 12.64
N ARG A 346 12.26 5.36 13.74
CA ARG A 346 13.37 4.42 13.72
C ARG A 346 12.80 3.02 13.76
N ASP A 347 12.90 2.29 12.65
CA ASP A 347 12.44 0.91 12.55
C ASP A 347 13.65 0.01 12.37
N LEU A 348 13.76 -1.00 13.24
CA LEU A 348 14.88 -1.92 13.26
C LEU A 348 14.36 -3.34 13.11
N THR A 349 14.77 -4.02 12.04
CA THR A 349 14.31 -5.37 11.74
C THR A 349 15.49 -6.29 11.53
N ALA A 350 15.50 -7.40 12.28
CA ALA A 350 16.51 -8.43 12.13
C ALA A 350 15.82 -9.78 11.97
N HIS A 351 16.37 -10.61 11.08
CA HIS A 351 15.70 -11.84 10.67
C HIS A 351 16.75 -12.90 10.41
N GLY A 352 16.34 -14.16 10.50
CA GLY A 352 17.23 -15.27 10.23
C GLY A 352 16.50 -16.58 10.03
N GLU A 353 16.85 -17.34 9.00
CA GLU A 353 16.17 -18.60 8.72
C GLU A 353 17.16 -19.60 8.12
N VAL A 354 16.94 -20.88 8.43
CA VAL A 354 17.66 -21.98 7.83
C VAL A 354 16.65 -22.93 7.18
N ASN A 355 17.13 -23.76 6.26
CA ASN A 355 16.26 -24.60 5.44
C ASN A 355 16.78 -26.03 5.42
N LEU A 356 15.86 -26.98 5.37
CA LEU A 356 16.21 -28.38 5.57
C LEU A 356 15.47 -29.32 4.63
N PRO A 357 16.18 -30.00 3.72
CA PRO A 357 15.54 -31.11 2.98
C PRO A 357 15.55 -32.38 3.82
N LEU A 358 14.38 -33.00 3.97
CA LEU A 358 14.21 -34.20 4.77
C LEU A 358 13.74 -35.36 3.91
N HIS A 359 14.34 -36.53 4.13
CA HIS A 359 14.02 -37.74 3.39
C HIS A 359 13.49 -38.77 4.39
N LEU A 360 12.18 -38.73 4.63
CA LEU A 360 11.58 -39.58 5.65
C LEU A 360 10.41 -40.38 5.08
N GLY A 361 9.39 -40.62 5.91
CA GLY A 361 8.20 -41.31 5.43
C GLY A 361 7.49 -40.57 4.32
N TYR A 362 7.63 -39.25 4.28
CA TYR A 362 7.18 -38.43 3.18
C TYR A 362 8.28 -37.43 2.84
N GLU A 363 8.47 -37.19 1.55
CA GLU A 363 9.55 -36.34 1.09
C GLU A 363 9.15 -34.89 1.32
N GLN A 364 9.81 -34.23 2.26
CA GLN A 364 9.38 -32.92 2.74
C GLN A 364 10.55 -31.95 2.78
N THR A 365 10.25 -30.70 3.13
CA THR A 365 11.23 -29.65 3.36
C THR A 365 10.82 -28.86 4.59
N LEU A 366 11.81 -28.42 5.37
CA LEU A 366 11.55 -27.78 6.65
C LEU A 366 12.37 -26.50 6.77
N THR A 367 11.68 -25.38 6.99
CA THR A 367 12.32 -24.08 7.20
C THR A 367 12.14 -23.67 8.66
N LEU A 368 13.22 -23.19 9.27
CA LEU A 368 13.21 -22.75 10.66
C LEU A 368 13.76 -21.33 10.73
N GLY A 369 13.03 -20.43 11.37
CA GLY A 369 13.45 -19.04 11.39
C GLY A 369 12.90 -18.26 12.56
N SER A 370 13.55 -17.14 12.84
CA SER A 370 13.11 -16.19 13.85
C SER A 370 13.20 -14.78 13.27
N GLU A 371 12.54 -13.84 13.97
CA GLU A 371 12.47 -12.47 13.47
C GLU A 371 12.17 -11.54 14.64
N TRP A 372 12.86 -10.39 14.67
CA TRP A 372 12.68 -9.39 15.72
C TRP A 372 12.61 -8.01 15.09
N THR A 373 11.66 -7.19 15.55
CA THR A 373 11.46 -5.85 15.03
C THR A 373 11.29 -4.87 16.18
N GLU A 374 11.74 -3.63 15.97
CA GLU A 374 11.51 -2.53 16.90
C GLU A 374 11.06 -1.31 16.12
N GLN A 375 9.97 -0.69 16.56
CA GLN A 375 9.41 0.49 15.92
C GLN A 375 9.42 1.63 16.94
N LYS A 376 10.31 2.59 16.77
CA LYS A 376 10.36 3.78 17.60
C LYS A 376 9.79 4.95 16.82
N LEU A 377 8.79 5.61 17.39
CA LEU A 377 8.07 6.70 16.73
C LEU A 377 8.12 7.95 17.59
N ASP A 378 8.78 8.99 17.09
CA ASP A 378 8.76 10.31 17.70
C ASP A 378 7.87 11.21 16.86
N ASP A 379 6.75 11.66 17.44
CA ASP A 379 5.80 12.52 16.75
C ASP A 379 5.47 13.68 17.66
N PRO A 380 6.12 14.84 17.49
CA PRO A 380 5.90 15.97 18.39
C PRO A 380 4.63 16.77 18.11
N SER A 381 3.73 16.30 17.25
CA SER A 381 2.58 17.12 16.86
C SER A 381 1.25 16.42 17.03
N SER A 382 1.22 15.08 17.09
CA SER A 382 -0.03 14.35 17.18
C SER A 382 -0.57 14.28 18.61
N ASN A 383 0.29 14.40 19.62
CA ASN A 383 -0.16 14.31 21.01
C ASN A 383 -0.31 15.69 21.63
N THR A 384 -0.90 16.64 20.90
CA THR A 384 -1.00 18.01 21.37
C THR A 384 -2.42 18.52 21.59
N GLN A 385 -3.43 17.81 21.08
CA GLN A 385 -4.81 18.24 21.25
C GLN A 385 -5.16 18.32 22.73
N ASN A 386 -5.43 19.54 23.21
CA ASN A 386 -5.64 19.76 24.63
C ASN A 386 -7.11 19.59 25.00
N THR A 387 -7.41 19.77 26.28
CA THR A 387 -8.71 19.46 26.86
C THR A 387 -9.33 20.66 27.56
N GLU A 388 -9.24 21.83 26.93
CA GLU A 388 -9.84 23.04 27.49
C GLU A 388 -11.24 23.31 26.97
N GLU A 389 -11.68 22.61 25.92
CA GLU A 389 -13.01 22.81 25.36
C GLU A 389 -13.95 21.65 25.59
N GLY A 390 -13.43 20.46 25.88
CA GLY A 390 -14.28 19.31 26.11
C GLY A 390 -14.14 18.75 27.52
N GLY A 391 -13.17 19.25 28.26
CA GLY A 391 -12.95 18.80 29.62
C GLY A 391 -11.78 17.85 29.74
N SER A 392 -11.10 17.93 30.87
CA SER A 392 -9.95 17.06 31.11
C SER A 392 -10.39 15.60 31.17
N ILE A 393 -9.52 14.72 30.71
CA ILE A 393 -9.77 13.29 30.64
C ILE A 393 -8.92 12.62 31.71
N PRO A 394 -9.52 11.95 32.70
CA PRO A 394 -8.73 11.36 33.79
C PRO A 394 -7.73 10.34 33.29
N GLY A 395 -6.45 10.59 33.57
CA GLY A 395 -5.36 9.78 33.09
C GLY A 395 -4.65 10.33 31.88
N LEU A 396 -5.15 11.43 31.31
CA LEU A 396 -4.57 12.04 30.12
C LEU A 396 -4.22 13.48 30.43
N ALA A 397 -2.93 13.80 30.40
CA ALA A 397 -2.50 15.17 30.65
C ALA A 397 -2.98 16.09 29.54
N GLY A 398 -3.19 17.37 29.90
CA GLY A 398 -3.68 18.32 28.94
C GLY A 398 -2.62 18.88 28.02
N LYS A 399 -1.38 18.98 28.51
CA LYS A 399 -0.30 19.60 27.75
C LYS A 399 0.99 18.82 27.98
N ASN A 400 1.89 18.90 27.01
CA ASN A 400 3.22 18.29 27.07
C ASN A 400 3.14 16.79 27.28
N ARG A 401 2.26 16.13 26.52
CA ARG A 401 2.25 14.68 26.50
C ARG A 401 3.42 14.14 25.69
N SER A 402 3.81 12.92 26.01
CA SER A 402 5.01 12.33 25.43
C SER A 402 4.91 12.27 23.91
N SER A 403 6.02 12.54 23.23
CA SER A 403 6.10 12.48 21.78
C SER A 403 6.49 11.10 21.28
N SER A 404 6.55 10.10 22.16
CA SER A 404 7.17 8.81 21.85
C SER A 404 6.15 7.68 21.94
N SER A 405 6.21 6.78 20.96
CA SER A 405 5.48 5.53 20.97
C SER A 405 6.39 4.44 20.44
N SER A 406 6.22 3.22 20.97
CA SER A 406 7.12 2.13 20.57
C SER A 406 6.45 0.79 20.83
N ALA A 407 6.90 -0.21 20.07
CA ALA A 407 6.44 -1.59 20.23
C ALA A 407 7.46 -2.51 19.57
N ARG A 408 7.46 -3.77 20.02
CA ARG A 408 8.40 -4.76 19.51
C ARG A 408 7.69 -6.10 19.38
N ILE A 409 7.97 -6.81 18.29
CA ILE A 409 7.47 -8.15 18.05
C ILE A 409 8.64 -9.09 17.87
N PHE A 410 8.68 -10.15 18.67
CA PHE A 410 9.62 -11.25 18.49
C PHE A 410 8.88 -12.46 17.95
N SER A 411 9.45 -13.11 16.94
CA SER A 411 8.72 -14.15 16.21
C SER A 411 9.58 -15.38 16.02
N LEU A 412 8.93 -16.54 16.06
CA LEU A 412 9.52 -17.82 15.68
C LEU A 412 8.56 -18.52 14.74
N PHE A 413 9.10 -19.27 13.78
CA PHE A 413 8.23 -19.91 12.81
C PHE A 413 8.92 -21.13 12.20
N ALA A 414 8.10 -21.98 11.58
CA ALA A 414 8.56 -23.19 10.92
C ALA A 414 7.57 -23.56 9.82
N GLU A 415 8.08 -23.90 8.65
CA GLU A 415 7.27 -24.29 7.50
C GLU A 415 7.63 -25.69 7.07
N ASP A 416 6.63 -26.53 6.90
CA ASP A 416 6.81 -27.93 6.49
C ASP A 416 6.28 -28.07 5.07
N ASN A 417 7.19 -27.99 4.09
CA ASN A 417 6.85 -28.10 2.68
C ASN A 417 6.93 -29.58 2.29
N ILE A 418 5.77 -30.23 2.21
CA ILE A 418 5.68 -31.68 2.11
C ILE A 418 5.30 -32.06 0.69
N GLU A 419 5.89 -33.16 0.20
CA GLU A 419 5.47 -33.82 -1.03
C GLU A 419 4.90 -35.18 -0.66
N LEU A 420 3.57 -35.30 -0.71
CA LEU A 420 2.93 -36.58 -0.40
C LEU A 420 3.13 -37.59 -1.52
N MET A 421 3.04 -37.12 -2.77
CA MET A 421 3.25 -37.94 -3.96
C MET A 421 3.58 -36.98 -5.09
N PRO A 422 4.54 -37.33 -5.98
CA PRO A 422 5.12 -36.34 -6.89
C PRO A 422 4.12 -35.42 -7.58
N GLY A 423 4.31 -34.11 -7.40
CA GLY A 423 3.40 -33.12 -7.94
C GLY A 423 2.58 -32.48 -6.85
N THR A 424 1.84 -33.30 -6.11
CA THR A 424 1.02 -32.79 -5.01
C THR A 424 1.90 -32.30 -3.87
N MET A 425 1.51 -31.17 -3.28
CA MET A 425 2.27 -30.56 -2.19
C MET A 425 1.34 -30.13 -1.07
N LEU A 426 1.83 -30.24 0.16
CA LEU A 426 1.13 -29.77 1.34
C LEU A 426 2.09 -28.98 2.21
N THR A 427 1.64 -27.86 2.75
CA THR A 427 2.51 -26.96 3.50
C THR A 427 1.81 -26.41 4.75
N PRO A 428 1.90 -27.13 5.86
CA PRO A 428 1.51 -26.54 7.15
C PRO A 428 2.66 -25.79 7.81
N GLY A 429 2.30 -24.74 8.52
CA GLY A 429 3.30 -23.91 9.18
C GLY A 429 2.70 -23.18 10.36
N LEU A 430 3.55 -22.88 11.35
CA LEU A 430 3.15 -22.18 12.55
C LEU A 430 4.07 -21.00 12.79
N ARG A 431 3.48 -19.81 12.92
CA ARG A 431 4.21 -18.61 13.30
C ARG A 431 3.71 -18.13 14.66
N TRP A 432 4.64 -17.84 15.56
CA TRP A 432 4.32 -17.33 16.89
C TRP A 432 4.96 -15.96 17.06
N ASP A 433 4.18 -15.01 17.58
CA ASP A 433 4.65 -13.65 17.76
C ASP A 433 4.34 -13.21 19.19
N HIS A 434 5.32 -12.58 19.84
CA HIS A 434 5.13 -11.93 21.13
C HIS A 434 5.23 -10.42 20.91
N HIS A 435 4.11 -9.73 21.06
CA HIS A 435 4.06 -8.28 20.97
C HIS A 435 4.14 -7.70 22.37
N ASP A 436 5.10 -6.82 22.60
CA ASP A 436 5.37 -6.37 23.97
C ASP A 436 4.24 -5.51 24.57
N ILE A 437 3.04 -5.39 23.99
CA ILE A 437 1.95 -4.66 24.60
C ILE A 437 0.67 -5.48 24.47
N VAL A 438 0.45 -6.06 23.30
CA VAL A 438 -0.76 -6.82 23.03
C VAL A 438 -0.60 -8.29 23.43
N GLY A 439 0.56 -8.89 23.14
CA GLY A 439 0.82 -10.23 23.62
C GLY A 439 1.14 -11.28 22.58
N ASP A 440 0.53 -12.45 22.70
CA ASP A 440 0.86 -13.62 21.90
C ASP A 440 -0.11 -13.78 20.75
N ASN A 441 0.40 -14.24 19.61
CA ASN A 441 -0.42 -14.60 18.45
C ASN A 441 0.09 -15.90 17.86
N TRP A 442 -0.82 -16.84 17.65
CA TRP A 442 -0.52 -18.09 16.98
C TRP A 442 -1.11 -18.04 15.58
N SER A 443 -0.25 -18.14 14.56
CA SER A 443 -0.66 -18.03 13.16
C SER A 443 -0.49 -19.38 12.47
N PRO A 444 -1.51 -20.23 12.46
CA PRO A 444 -1.38 -21.54 11.80
C PRO A 444 -1.86 -21.51 10.35
N SER A 445 -0.93 -21.76 9.42
CA SER A 445 -1.23 -21.77 8.00
C SER A 445 -1.16 -23.19 7.46
N LEU A 446 -2.03 -23.48 6.49
CA LEU A 446 -2.03 -24.76 5.80
C LEU A 446 -2.35 -24.49 4.33
N ASN A 447 -1.46 -24.90 3.44
CA ASN A 447 -1.58 -24.60 2.02
C ASN A 447 -1.43 -25.90 1.24
N LEU A 448 -2.41 -26.18 0.37
CA LEU A 448 -2.46 -27.42 -0.39
C LEU A 448 -2.45 -27.10 -1.88
N SER A 449 -1.60 -27.81 -2.62
CA SER A 449 -1.55 -27.73 -4.08
C SER A 449 -1.61 -29.15 -4.63
N HIS A 450 -2.63 -29.44 -5.41
CA HIS A 450 -2.88 -30.79 -5.92
C HIS A 450 -2.81 -30.78 -7.44
N ALA A 451 -1.93 -31.60 -7.99
CA ALA A 451 -1.85 -31.79 -9.44
C ALA A 451 -2.90 -32.83 -9.83
N LEU A 452 -4.10 -32.36 -10.18
CA LEU A 452 -5.15 -33.26 -10.65
C LEU A 452 -4.88 -33.78 -12.06
N THR A 453 -4.00 -33.12 -12.81
CA THR A 453 -3.57 -33.57 -14.12
C THR A 453 -2.25 -32.88 -14.42
N GLU A 454 -1.54 -33.38 -15.42
CA GLU A 454 -0.35 -32.68 -15.91
C GLU A 454 -0.67 -31.30 -16.44
N ARG A 455 -1.95 -30.96 -16.58
CA ARG A 455 -2.37 -29.63 -17.05
C ARG A 455 -3.20 -28.85 -16.04
N VAL A 456 -3.79 -29.50 -15.03
CA VAL A 456 -4.73 -28.85 -14.12
C VAL A 456 -4.21 -28.98 -12.70
N THR A 457 -4.34 -27.90 -11.94
CA THR A 457 -3.89 -27.86 -10.55
C THR A 457 -4.96 -27.22 -9.68
N LEU A 458 -5.44 -27.96 -8.70
CA LEU A 458 -6.30 -27.39 -7.67
C LEU A 458 -5.43 -26.92 -6.50
N LYS A 459 -5.80 -25.78 -5.92
CA LYS A 459 -5.04 -25.22 -4.81
C LYS A 459 -6.00 -24.64 -3.78
N ALA A 460 -5.81 -25.02 -2.53
CA ALA A 460 -6.63 -24.53 -1.43
C ALA A 460 -5.71 -24.13 -0.27
N GLY A 461 -6.17 -23.18 0.53
CA GLY A 461 -5.43 -22.77 1.70
C GLY A 461 -6.25 -22.04 2.75
N ILE A 462 -5.93 -22.25 4.02
CA ILE A 462 -6.61 -21.57 5.11
C ILE A 462 -5.56 -21.18 6.15
N ALA A 463 -5.63 -19.93 6.61
CA ALA A 463 -4.62 -19.40 7.51
C ALA A 463 -5.20 -18.22 8.29
N ARG A 464 -4.67 -17.99 9.48
CA ARG A 464 -5.12 -16.92 10.36
C ARG A 464 -3.99 -15.89 10.42
N ALA A 465 -4.12 -14.83 9.62
CA ALA A 465 -3.09 -13.82 9.48
C ALA A 465 -3.10 -12.88 10.70
N TYR A 466 -2.21 -11.89 10.67
CA TYR A 466 -1.86 -11.14 11.87
C TYR A 466 -1.64 -9.67 11.53
N LYS A 467 -2.26 -8.79 12.31
CA LYS A 467 -2.04 -7.35 12.21
C LYS A 467 -1.98 -6.76 13.61
N ALA A 468 -0.79 -6.36 14.02
CA ALA A 468 -0.65 -5.69 15.31
C ALA A 468 -1.07 -4.23 15.19
N PRO A 469 -1.72 -3.67 16.20
CA PRO A 469 -2.16 -2.27 16.12
C PRO A 469 -0.98 -1.33 15.87
N ASN A 470 -1.25 -0.27 15.11
CA ASN A 470 -0.24 0.74 14.89
C ASN A 470 -0.13 1.66 16.11
N LEU A 471 1.00 2.35 16.20
CA LEU A 471 1.33 3.10 17.41
C LEU A 471 0.45 4.32 17.63
N TYR A 472 -0.48 4.62 16.72
CA TYR A 472 -1.46 5.67 16.97
C TYR A 472 -2.74 5.11 17.58
N GLN A 473 -3.20 3.95 17.11
CA GLN A 473 -4.35 3.31 17.74
C GLN A 473 -4.01 2.86 19.17
N LEU A 474 -2.75 2.56 19.43
CA LEU A 474 -2.33 2.06 20.75
C LEU A 474 -2.21 3.21 21.75
N ASN A 475 -1.25 4.10 21.52
CA ASN A 475 -0.88 5.19 22.42
C ASN A 475 -2.11 5.95 22.93
N PRO A 476 -2.38 5.88 24.23
CA PRO A 476 -3.51 6.63 24.80
C PRO A 476 -3.26 8.12 25.00
N ASP A 477 -2.09 8.61 24.61
CA ASP A 477 -1.86 10.04 24.56
C ASP A 477 -2.27 10.65 23.24
N TYR A 478 -2.59 9.82 22.24
CA TYR A 478 -3.07 10.30 20.95
C TYR A 478 -4.56 10.62 21.07
N LEU A 479 -4.92 11.88 20.85
CA LEU A 479 -6.27 12.35 21.14
C LEU A 479 -6.77 13.23 20.02
N LEU A 480 -7.98 12.95 19.54
CA LEU A 480 -8.69 13.78 18.59
C LEU A 480 -10.01 14.23 19.20
N TYR A 481 -10.53 15.35 18.70
CA TYR A 481 -11.71 15.98 19.30
C TYR A 481 -12.63 16.46 18.19
N SER A 482 -13.92 16.52 18.51
CA SER A 482 -14.91 17.06 17.59
C SER A 482 -16.02 17.71 18.39
N ARG A 483 -16.62 18.76 17.83
CA ARG A 483 -17.76 19.40 18.46
C ARG A 483 -19.07 18.64 18.23
N GLY A 484 -18.99 17.45 17.64
CA GLY A 484 -20.17 16.63 17.47
C GLY A 484 -20.28 15.96 16.12
N GLN A 485 -19.85 16.66 15.06
CA GLN A 485 -20.09 16.17 13.69
C GLN A 485 -19.45 14.81 13.45
N GLY A 486 -18.31 14.54 14.06
CA GLY A 486 -17.66 13.26 13.85
C GLY A 486 -18.00 12.18 14.84
N CYS A 487 -18.88 12.47 15.81
CA CYS A 487 -19.20 11.54 16.88
C CYS A 487 -20.30 10.58 16.48
N TYR A 488 -20.12 9.30 16.84
CA TYR A 488 -21.07 8.26 16.49
C TYR A 488 -22.22 8.25 17.49
N GLY A 489 -23.42 8.54 17.02
CA GLY A 489 -24.61 8.41 17.85
C GLY A 489 -24.96 9.60 18.71
N GLN A 490 -24.57 10.80 18.29
CA GLN A 490 -24.90 12.02 19.02
C GLN A 490 -24.44 13.21 18.18
N SER A 491 -24.81 14.40 18.63
CA SER A 491 -24.33 15.65 18.06
C SER A 491 -23.49 16.44 19.04
N THR A 492 -23.36 15.97 20.28
CA THR A 492 -22.56 16.64 21.29
C THR A 492 -21.08 16.39 21.03
N SER A 493 -20.24 17.30 21.54
CA SER A 493 -18.80 17.17 21.38
C SER A 493 -18.33 15.87 22.01
N CYS A 494 -17.19 15.36 21.52
CA CYS A 494 -16.67 14.10 22.00
C CYS A 494 -15.19 13.98 21.62
N TYR A 495 -14.51 13.07 22.30
CA TYR A 495 -13.11 12.77 22.05
C TYR A 495 -12.95 11.37 21.47
N LEU A 496 -11.88 11.18 20.71
CA LEU A 496 -11.39 9.86 20.34
C LEU A 496 -9.99 9.69 20.92
N ARG A 497 -9.73 8.51 21.48
CA ARG A 497 -8.51 8.29 22.25
C ARG A 497 -7.93 6.93 21.90
N GLY A 498 -6.62 6.81 22.05
CA GLY A 498 -5.96 5.53 21.88
C GLY A 498 -6.39 4.53 22.92
N ASN A 499 -5.94 3.29 22.74
CA ASN A 499 -6.34 2.19 23.60
C ASN A 499 -5.24 1.16 23.54
N ASP A 500 -4.50 1.00 24.63
CA ASP A 500 -3.36 0.07 24.68
C ASP A 500 -3.76 -1.32 25.15
N GLY A 501 -5.05 -1.58 25.32
CA GLY A 501 -5.53 -2.91 25.61
C GLY A 501 -6.12 -3.62 24.41
N LEU A 502 -5.96 -3.03 23.22
CA LEU A 502 -6.56 -3.58 22.01
C LEU A 502 -6.06 -4.99 21.73
N LYS A 503 -6.95 -5.82 21.20
CA LYS A 503 -6.55 -7.09 20.64
C LYS A 503 -6.09 -6.90 19.20
N ALA A 504 -5.13 -7.73 18.77
CA ALA A 504 -4.62 -7.62 17.41
C ALA A 504 -5.69 -8.03 16.40
N GLU A 505 -5.53 -7.56 15.17
CA GLU A 505 -6.43 -7.95 14.09
C GLU A 505 -6.03 -9.32 13.56
N THR A 506 -6.99 -10.22 13.46
CA THR A 506 -6.76 -11.57 12.95
C THR A 506 -7.79 -11.88 11.87
N SER A 507 -7.33 -12.51 10.79
CA SER A 507 -8.19 -12.80 9.65
C SER A 507 -7.93 -14.22 9.18
N VAL A 508 -9.00 -15.03 9.12
CA VAL A 508 -8.93 -16.37 8.56
C VAL A 508 -9.18 -16.25 7.06
N ASN A 509 -8.15 -16.54 6.26
CA ASN A 509 -8.20 -16.32 4.81
C ASN A 509 -8.39 -17.66 4.12
N LYS A 510 -9.63 -17.97 3.76
CA LYS A 510 -9.90 -19.16 2.95
C LYS A 510 -9.70 -18.81 1.48
N GLU A 511 -8.91 -19.62 0.79
CA GLU A 511 -8.77 -19.52 -0.66
C GLU A 511 -8.91 -20.90 -1.26
N LEU A 512 -9.67 -21.00 -2.36
CA LEU A 512 -9.85 -22.23 -3.09
C LEU A 512 -9.89 -21.89 -4.57
N GLY A 513 -8.98 -22.49 -5.35
CA GLY A 513 -8.87 -22.16 -6.75
C GLY A 513 -8.40 -23.34 -7.56
N ILE A 514 -8.57 -23.22 -8.88
CA ILE A 514 -8.12 -24.22 -9.84
C ILE A 514 -7.57 -23.49 -11.04
N GLU A 515 -6.62 -24.12 -11.72
CA GLU A 515 -5.94 -23.47 -12.84
C GLU A 515 -5.49 -24.52 -13.85
N TYR A 516 -5.70 -24.20 -15.13
CA TYR A 516 -5.23 -25.02 -16.24
C TYR A 516 -4.03 -24.33 -16.88
N SER A 517 -2.94 -25.07 -17.07
CA SER A 517 -1.72 -24.50 -17.60
C SER A 517 -1.05 -25.51 -18.52
N HIS A 518 -0.89 -25.13 -19.80
CA HIS A 518 -0.25 -26.00 -20.79
C HIS A 518 0.02 -25.25 -22.09
N ASP A 519 1.29 -25.24 -22.52
CA ASP A 519 1.70 -24.72 -23.83
C ASP A 519 1.28 -23.25 -24.01
N GLY A 520 1.68 -22.43 -23.04
CA GLY A 520 1.32 -21.02 -23.04
C GLY A 520 -0.14 -20.73 -22.77
N LEU A 521 -1.00 -21.76 -22.76
CA LEU A 521 -2.42 -21.58 -22.44
C LEU A 521 -2.61 -21.70 -20.94
N VAL A 522 -3.08 -20.62 -20.30
CA VAL A 522 -3.30 -20.59 -18.86
C VAL A 522 -4.69 -20.04 -18.59
N ALA A 523 -5.46 -20.75 -17.75
CA ALA A 523 -6.78 -20.31 -17.33
C ALA A 523 -7.01 -20.76 -15.90
N GLY A 524 -7.39 -19.82 -15.03
CA GLY A 524 -7.56 -20.13 -13.63
C GLY A 524 -8.55 -19.18 -12.97
N LEU A 525 -9.25 -19.70 -11.96
CA LEU A 525 -10.20 -18.93 -11.19
C LEU A 525 -10.07 -19.33 -9.72
N THR A 526 -10.11 -18.33 -8.84
CA THR A 526 -9.93 -18.55 -7.42
C THR A 526 -10.97 -17.75 -6.64
N TYR A 527 -11.51 -18.35 -5.58
CA TYR A 527 -12.46 -17.71 -4.70
C TYR A 527 -11.82 -17.54 -3.32
N PHE A 528 -11.80 -16.30 -2.83
CA PHE A 528 -11.26 -16.02 -1.51
C PHE A 528 -12.38 -15.52 -0.60
N ARG A 529 -12.25 -15.83 0.69
CA ARG A 529 -13.16 -15.31 1.71
C ARG A 529 -12.36 -15.14 3.00
N ASN A 530 -11.95 -13.91 3.28
CA ASN A 530 -11.21 -13.59 4.49
C ASN A 530 -12.20 -13.22 5.59
N ASP A 531 -12.21 -13.98 6.68
CA ASP A 531 -13.05 -13.70 7.84
C ASP A 531 -12.28 -12.79 8.79
N TYR A 532 -12.72 -11.53 8.88
CA TYR A 532 -11.93 -10.45 9.49
C TYR A 532 -12.36 -10.29 10.94
N LYS A 533 -11.56 -10.83 11.86
CA LYS A 533 -11.87 -10.82 13.28
C LYS A 533 -11.07 -9.72 13.97
N ASN A 534 -11.77 -8.85 14.70
CA ASN A 534 -11.17 -7.78 15.49
C ASN A 534 -10.46 -6.75 14.62
N LYS A 535 -11.20 -6.08 13.74
CA LYS A 535 -10.66 -4.98 12.97
C LYS A 535 -10.72 -3.70 13.79
N ILE A 536 -9.56 -3.06 13.97
CA ILE A 536 -9.51 -1.83 14.75
C ILE A 536 -10.14 -0.71 13.95
N GLU A 537 -10.97 0.09 14.62
CA GLU A 537 -11.65 1.20 13.97
C GLU A 537 -12.10 2.18 15.05
N SER A 538 -12.58 3.34 14.60
CA SER A 538 -13.05 4.36 15.51
C SER A 538 -14.23 3.84 16.32
N GLY A 539 -14.27 4.23 17.60
CA GLY A 539 -15.26 3.67 18.50
C GLY A 539 -16.68 4.08 18.15
N LEU A 540 -17.62 3.27 18.64
CA LEU A 540 -19.05 3.49 18.43
C LEU A 540 -19.77 3.88 19.71
N SER A 541 -19.50 3.18 20.81
CA SER A 541 -20.13 3.57 22.07
C SER A 541 -19.15 4.36 22.93
N PRO A 542 -19.62 5.40 23.61
CA PRO A 542 -18.73 6.15 24.52
C PRO A 542 -18.36 5.29 25.73
N VAL A 543 -17.07 5.33 26.09
CA VAL A 543 -16.57 4.56 27.23
C VAL A 543 -16.48 5.41 28.50
N ASP A 544 -16.69 6.71 28.41
CA ASP A 544 -16.54 7.62 29.55
C ASP A 544 -17.07 8.98 29.15
N HIS A 545 -16.97 9.92 30.09
CA HIS A 545 -17.22 11.33 29.84
C HIS A 545 -16.22 12.15 30.65
N ALA A 546 -15.84 13.28 30.09
CA ALA A 546 -14.88 14.17 30.74
C ALA A 546 -15.63 15.18 31.62
N SER A 547 -14.87 16.02 32.30
CA SER A 547 -15.44 17.06 33.15
C SER A 547 -14.65 18.34 32.92
N GLY A 548 -15.36 19.43 32.66
CA GLY A 548 -14.78 20.70 32.33
C GLY A 548 -15.07 21.09 30.89
N GLY A 549 -14.60 22.27 30.53
CA GLY A 549 -14.72 22.75 29.16
C GLY A 549 -15.50 24.05 29.09
N LYS A 550 -15.86 24.41 27.86
CA LYS A 550 -16.47 25.70 27.56
C LYS A 550 -17.84 25.49 26.94
N GLY A 551 -18.85 26.12 27.54
CA GLY A 551 -20.14 26.26 26.90
C GLY A 551 -20.80 24.94 26.58
N ASP A 552 -21.38 24.85 25.38
CA ASP A 552 -22.14 23.68 24.98
C ASP A 552 -21.28 22.45 24.77
N TYR A 553 -19.96 22.63 24.62
CA TYR A 553 -19.07 21.54 24.29
C TYR A 553 -18.53 20.81 25.53
N ALA A 554 -18.76 21.35 26.72
CA ALA A 554 -18.11 20.84 27.92
C ALA A 554 -18.51 19.39 28.21
N ASN A 555 -17.67 18.71 28.98
CA ASN A 555 -17.91 17.35 29.44
C ASN A 555 -18.15 16.40 28.27
N ALA A 556 -17.33 16.55 27.22
CA ALA A 556 -17.51 15.75 26.02
C ALA A 556 -17.30 14.27 26.31
N ALA A 557 -17.99 13.44 25.55
CA ALA A 557 -17.89 12.00 25.73
C ALA A 557 -16.52 11.51 25.28
N ILE A 558 -16.17 10.30 25.71
CA ILE A 558 -14.88 9.70 25.40
C ILE A 558 -15.11 8.40 24.65
N TYR A 559 -14.70 8.37 23.39
CA TYR A 559 -14.60 7.14 22.63
C TYR A 559 -13.14 6.70 22.54
N GLN A 560 -12.94 5.42 22.31
CA GLN A 560 -11.61 4.87 22.11
C GLN A 560 -11.63 3.96 20.89
N TRP A 561 -10.43 3.74 20.33
CA TRP A 561 -10.29 2.78 19.24
C TRP A 561 -10.70 1.41 19.74
N GLU A 562 -11.69 0.82 19.08
CA GLU A 562 -12.26 -0.45 19.51
C GLU A 562 -11.70 -1.59 18.67
N ASN A 563 -12.26 -2.79 18.86
CA ASN A 563 -11.96 -3.97 18.05
C ASN A 563 -13.29 -4.46 17.50
N VAL A 564 -13.58 -4.11 16.25
CA VAL A 564 -14.82 -4.52 15.60
C VAL A 564 -14.91 -6.04 15.61
N PRO A 565 -15.97 -6.62 16.19
CA PRO A 565 -15.98 -8.08 16.45
C PRO A 565 -15.74 -8.93 15.22
N LYS A 566 -16.58 -8.77 14.19
CA LYS A 566 -16.47 -9.61 13.00
C LYS A 566 -16.63 -8.75 11.75
N ALA A 567 -15.99 -9.19 10.68
CA ALA A 567 -16.11 -8.55 9.38
C ALA A 567 -15.73 -9.57 8.32
N VAL A 568 -16.06 -9.27 7.07
CA VAL A 568 -15.89 -10.23 5.99
C VAL A 568 -15.59 -9.50 4.69
N VAL A 569 -14.66 -10.06 3.91
CA VAL A 569 -14.47 -9.71 2.51
C VAL A 569 -14.49 -11.00 1.71
N GLU A 570 -14.90 -10.90 0.44
CA GLU A 570 -15.19 -12.08 -0.34
C GLU A 570 -15.19 -11.69 -1.81
N GLY A 571 -14.54 -12.49 -2.65
CA GLY A 571 -14.46 -12.14 -4.04
C GLY A 571 -13.83 -13.22 -4.88
N LEU A 572 -13.56 -12.87 -6.14
CA LEU A 572 -13.06 -13.80 -7.13
C LEU A 572 -11.80 -13.26 -7.79
N GLU A 573 -10.85 -14.15 -8.07
CA GLU A 573 -9.66 -13.84 -8.84
C GLU A 573 -9.61 -14.76 -10.05
N GLY A 574 -9.40 -14.18 -11.22
CA GLY A 574 -9.36 -14.96 -12.45
C GLY A 574 -8.26 -14.50 -13.36
N THR A 575 -7.81 -15.41 -14.23
CA THR A 575 -6.78 -15.12 -15.20
C THR A 575 -6.96 -16.03 -16.41
N LEU A 576 -6.68 -15.48 -17.59
CA LEU A 576 -6.81 -16.24 -18.83
C LEU A 576 -5.79 -15.71 -19.83
N THR A 577 -4.89 -16.58 -20.28
CA THR A 577 -3.86 -16.21 -21.25
C THR A 577 -3.94 -17.17 -22.42
N LEU A 578 -4.14 -16.63 -23.62
CA LEU A 578 -4.29 -17.43 -24.83
C LEU A 578 -3.19 -17.08 -25.81
N PRO A 579 -2.38 -18.04 -26.27
CA PRO A 579 -1.46 -17.75 -27.37
C PRO A 579 -2.17 -17.73 -28.71
N LEU A 580 -2.60 -16.54 -29.15
CA LEU A 580 -3.30 -16.42 -30.42
C LEU A 580 -2.45 -16.97 -31.56
N ALA A 581 -1.23 -16.45 -31.69
CA ALA A 581 -0.25 -17.02 -32.61
C ALA A 581 1.07 -17.21 -31.88
N ASP A 582 2.13 -17.56 -32.60
CA ASP A 582 3.44 -17.68 -31.97
C ASP A 582 3.95 -16.33 -31.48
N GLY A 583 3.77 -15.29 -32.28
CA GLY A 583 4.22 -13.96 -31.88
C GLY A 583 3.17 -13.09 -31.25
N LEU A 584 2.03 -13.66 -30.85
CA LEU A 584 0.92 -12.88 -30.31
C LEU A 584 0.41 -13.53 -29.04
N LYS A 585 0.15 -12.72 -28.01
CA LYS A 585 -0.31 -13.22 -26.72
C LYS A 585 -1.38 -12.29 -26.18
N TRP A 586 -2.50 -12.87 -25.76
CA TRP A 586 -3.62 -12.15 -25.16
C TRP A 586 -3.76 -12.57 -23.70
N SER A 587 -3.53 -11.63 -22.78
CA SER A 587 -3.53 -11.91 -21.35
C SER A 587 -4.66 -11.16 -20.67
N ASN A 588 -5.21 -11.76 -19.62
CA ASN A 588 -6.33 -11.18 -18.89
C ASN A 588 -6.21 -11.50 -17.41
N ASN A 589 -6.42 -10.49 -16.57
CA ASN A 589 -6.50 -10.66 -15.12
C ASN A 589 -7.81 -10.05 -14.64
N LEU A 590 -8.51 -10.76 -13.76
CA LEU A 590 -9.84 -10.36 -13.33
C LEU A 590 -9.93 -10.38 -11.80
N THR A 591 -10.38 -9.27 -11.24
CA THR A 591 -10.82 -9.20 -9.85
C THR A 591 -12.32 -8.95 -9.84
N TYR A 592 -13.03 -9.65 -8.96
CA TYR A 592 -14.45 -9.40 -8.74
C TYR A 592 -14.71 -9.43 -7.24
N MET A 593 -15.11 -8.29 -6.68
CA MET A 593 -15.34 -8.16 -5.24
C MET A 593 -16.78 -8.50 -4.95
N LEU A 594 -17.01 -9.61 -4.24
CA LEU A 594 -18.37 -10.04 -3.95
C LEU A 594 -18.97 -9.28 -2.77
N GLN A 595 -18.21 -9.10 -1.69
CA GLN A 595 -18.77 -8.44 -0.51
C GLN A 595 -17.65 -7.86 0.33
N SER A 596 -17.95 -6.74 1.00
CA SER A 596 -17.03 -6.11 1.95
C SER A 596 -17.92 -5.44 3.00
N LYS A 597 -18.03 -6.06 4.17
CA LYS A 597 -19.04 -5.69 5.14
C LYS A 597 -18.45 -5.65 6.54
N ASN A 598 -18.59 -4.51 7.21
CA ASN A 598 -18.32 -4.37 8.63
C ASN A 598 -19.54 -4.91 9.37
N LYS A 599 -19.46 -6.15 9.86
CA LYS A 599 -20.64 -6.83 10.38
C LYS A 599 -21.28 -6.08 11.54
N GLU A 600 -20.48 -5.38 12.34
CA GLU A 600 -21.05 -4.64 13.46
C GLU A 600 -21.94 -3.50 12.99
N THR A 601 -21.43 -2.66 12.08
CA THR A 601 -22.19 -1.52 11.60
C THR A 601 -22.96 -1.82 10.32
N GLY A 602 -22.51 -2.81 9.53
CA GLY A 602 -23.14 -3.17 8.28
C GLY A 602 -22.58 -2.44 7.07
N ASP A 603 -21.97 -1.29 7.27
CA ASP A 603 -21.45 -0.48 6.16
C ASP A 603 -20.26 -1.16 5.50
N VAL A 604 -19.90 -0.64 4.33
CA VAL A 604 -18.71 -1.12 3.66
C VAL A 604 -17.48 -0.69 4.46
N LEU A 605 -16.42 -1.47 4.38
CA LEU A 605 -15.17 -1.17 5.06
C LEU A 605 -14.09 -0.66 4.12
N SER A 606 -14.34 -0.70 2.83
CA SER A 606 -13.42 -0.20 1.81
C SER A 606 -14.17 -0.12 0.50
N VAL A 607 -13.84 0.91 -0.28
CA VAL A 607 -14.51 1.18 -1.55
C VAL A 607 -13.57 0.75 -2.68
N THR A 608 -13.91 -0.34 -3.34
CA THR A 608 -13.23 -0.85 -4.52
C THR A 608 -14.24 -0.99 -5.66
N PRO A 609 -13.77 -1.04 -6.90
CA PRO A 609 -14.70 -1.34 -8.01
C PRO A 609 -15.26 -2.74 -7.87
N ARG A 610 -16.51 -2.90 -8.31
CA ARG A 610 -17.17 -4.20 -8.27
C ARG A 610 -16.34 -5.26 -8.98
N TYR A 611 -15.71 -4.89 -10.09
CA TYR A 611 -14.78 -5.76 -10.77
C TYR A 611 -13.66 -4.92 -11.37
N THR A 612 -12.57 -5.59 -11.71
CA THR A 612 -11.48 -4.97 -12.48
C THR A 612 -10.95 -6.00 -13.44
N LEU A 613 -10.99 -5.69 -14.73
CA LEU A 613 -10.51 -6.58 -15.78
C LEU A 613 -9.43 -5.87 -16.57
N ASN A 614 -8.18 -6.33 -16.40
CA ASN A 614 -7.06 -5.84 -17.17
C ASN A 614 -6.79 -6.79 -18.33
N SER A 615 -6.58 -6.23 -19.51
CA SER A 615 -6.38 -7.03 -20.73
C SER A 615 -5.23 -6.43 -21.52
N MET A 616 -4.20 -7.23 -21.79
CA MET A 616 -3.08 -6.81 -22.61
C MET A 616 -2.93 -7.76 -23.80
N LEU A 617 -2.71 -7.18 -24.98
CA LEU A 617 -2.37 -7.93 -26.19
C LEU A 617 -0.93 -7.60 -26.53
N ASP A 618 -0.07 -8.63 -26.54
CA ASP A 618 1.37 -8.46 -26.72
C ASP A 618 1.76 -9.02 -28.09
N TRP A 619 1.99 -8.12 -29.05
CA TRP A 619 2.35 -8.50 -30.41
C TRP A 619 3.86 -8.32 -30.60
N GLN A 620 4.56 -9.42 -30.90
CA GLN A 620 5.97 -9.38 -31.23
C GLN A 620 6.08 -9.16 -32.73
N ALA A 621 5.93 -7.90 -33.14
CA ALA A 621 5.80 -7.56 -34.55
C ALA A 621 7.02 -7.99 -35.37
N THR A 622 8.23 -7.80 -34.83
CA THR A 622 9.45 -8.26 -35.48
C THR A 622 10.33 -8.90 -34.41
N ASP A 623 11.54 -9.27 -34.80
CA ASP A 623 12.56 -9.61 -33.80
C ASP A 623 12.91 -8.39 -32.97
N ASP A 624 12.93 -7.21 -33.59
CA ASP A 624 13.37 -5.97 -32.96
C ASP A 624 12.24 -4.97 -32.81
N LEU A 625 11.01 -5.45 -32.60
CA LEU A 625 9.88 -4.59 -32.36
C LEU A 625 8.80 -5.37 -31.62
N SER A 626 8.06 -4.68 -30.78
CA SER A 626 6.95 -5.29 -30.05
C SER A 626 5.93 -4.20 -29.72
N LEU A 627 4.68 -4.42 -30.12
CA LEU A 627 3.59 -3.50 -29.85
C LEU A 627 2.66 -4.10 -28.80
N GLN A 628 2.08 -3.22 -27.98
CA GLN A 628 1.23 -3.64 -26.86
C GLN A 628 -0.04 -2.81 -26.82
N ALA A 629 -1.17 -3.50 -26.60
CA ALA A 629 -2.47 -2.86 -26.43
C ALA A 629 -3.05 -3.28 -25.09
N THR A 630 -3.50 -2.30 -24.31
CA THR A 630 -3.99 -2.55 -22.96
C THR A 630 -5.36 -1.91 -22.77
N VAL A 631 -6.24 -2.61 -22.05
CA VAL A 631 -7.55 -2.10 -21.69
C VAL A 631 -7.86 -2.57 -20.27
N THR A 632 -8.36 -1.66 -19.43
CA THR A 632 -8.74 -1.96 -18.06
C THR A 632 -10.19 -1.55 -17.85
N TRP A 633 -11.05 -2.52 -17.61
CA TRP A 633 -12.44 -2.25 -17.26
C TRP A 633 -12.57 -2.12 -15.75
N TYR A 634 -13.16 -1.01 -15.31
CA TYR A 634 -13.52 -0.82 -13.91
C TYR A 634 -15.03 -0.95 -13.74
N GLY A 635 -15.43 -1.59 -12.64
CA GLY A 635 -16.82 -1.78 -12.34
C GLY A 635 -17.42 -0.59 -11.61
N LYS A 636 -18.65 -0.77 -11.15
CA LYS A 636 -19.33 0.24 -10.37
C LYS A 636 -18.66 0.40 -9.01
N GLN A 637 -18.78 1.60 -8.44
CA GLN A 637 -18.19 1.92 -7.15
C GLN A 637 -19.26 2.56 -6.27
N LYS A 638 -19.48 1.97 -5.09
CA LYS A 638 -20.52 2.41 -4.16
C LYS A 638 -19.89 3.05 -2.94
N PRO A 639 -20.37 4.20 -2.50
CA PRO A 639 -19.88 4.83 -1.27
C PRO A 639 -20.53 4.22 -0.04
N LYS A 640 -20.18 4.77 1.12
CA LYS A 640 -20.66 4.23 2.38
C LYS A 640 -22.12 4.61 2.61
N LYS A 641 -22.80 3.78 3.41
CA LYS A 641 -24.21 4.02 3.70
C LYS A 641 -24.40 5.07 4.78
N TYR A 642 -23.59 5.01 5.83
CA TYR A 642 -23.76 5.82 7.02
C TYR A 642 -22.62 6.81 7.16
N ASP A 643 -22.92 7.97 7.75
CA ASP A 643 -21.95 9.03 7.92
C ASP A 643 -21.17 8.81 9.22
N TYR A 644 -20.41 9.82 9.63
CA TYR A 644 -19.68 9.74 10.89
C TYR A 644 -20.63 9.58 12.08
N HIS A 645 -21.87 10.05 11.96
CA HIS A 645 -22.85 9.87 13.02
C HIS A 645 -23.38 8.44 13.05
N GLY A 646 -23.46 7.79 11.89
CA GLY A 646 -24.19 6.55 11.74
C GLY A 646 -25.54 6.70 11.08
N ASP A 647 -25.90 7.92 10.66
CA ASP A 647 -27.17 8.16 10.01
C ASP A 647 -27.00 8.07 8.50
N ARG A 648 -27.95 7.39 7.84
CA ARG A 648 -27.89 7.16 6.41
C ARG A 648 -27.73 8.47 5.65
N VAL A 649 -26.75 8.49 4.73
CA VAL A 649 -26.42 9.73 4.04
C VAL A 649 -27.52 10.10 3.07
N THR A 650 -27.52 11.37 2.66
CA THR A 650 -28.56 11.94 1.82
C THR A 650 -27.93 12.73 0.68
N GLY A 651 -28.64 12.75 -0.44
CA GLY A 651 -28.30 13.65 -1.53
C GLY A 651 -27.09 13.16 -2.29
N SER A 652 -26.21 14.12 -2.64
CA SER A 652 -25.04 13.83 -3.45
C SER A 652 -24.04 12.92 -2.75
N ALA A 653 -24.24 12.57 -1.48
CA ALA A 653 -23.39 11.57 -0.84
C ALA A 653 -23.74 10.14 -1.25
N ASN A 654 -24.80 9.96 -2.03
CA ASN A 654 -25.18 8.66 -2.56
C ASN A 654 -24.63 8.41 -3.96
N ASP A 655 -23.98 9.40 -4.55
CA ASP A 655 -23.48 9.28 -5.92
C ASP A 655 -22.57 8.08 -6.07
N GLN A 656 -22.79 7.30 -7.12
CA GLN A 656 -21.91 6.21 -7.49
C GLN A 656 -21.19 6.55 -8.79
N LEU A 657 -20.05 5.88 -8.99
CA LEU A 657 -19.30 6.01 -10.23
C LEU A 657 -19.70 4.87 -11.17
N SER A 658 -20.04 5.22 -12.40
CA SER A 658 -20.46 4.24 -13.38
C SER A 658 -19.25 3.44 -13.90
N PRO A 659 -19.49 2.22 -14.38
CA PRO A 659 -18.39 1.45 -14.97
C PRO A 659 -17.78 2.18 -16.15
N TYR A 660 -16.46 2.04 -16.29
CA TYR A 660 -15.74 2.69 -17.37
C TYR A 660 -14.46 1.91 -17.64
N ALA A 661 -13.81 2.25 -18.74
CA ALA A 661 -12.61 1.56 -19.18
C ALA A 661 -11.54 2.56 -19.59
N ILE A 662 -10.29 2.14 -19.46
CA ILE A 662 -9.14 2.92 -19.88
C ILE A 662 -8.32 2.07 -20.84
N ALA A 663 -8.21 2.53 -22.08
CA ALA A 663 -7.49 1.81 -23.12
C ALA A 663 -6.13 2.45 -23.37
N GLY A 664 -5.17 1.63 -23.82
CA GLY A 664 -3.86 2.16 -24.14
C GLY A 664 -3.07 1.42 -25.20
N LEU A 665 -2.28 2.14 -25.98
CA LEU A 665 -1.38 1.55 -26.97
C LEU A 665 0.05 1.92 -26.62
N GLY A 666 0.99 1.06 -27.01
CA GLY A 666 2.39 1.29 -26.71
C GLY A 666 3.26 0.30 -27.46
N GLY A 667 4.56 0.57 -27.39
CA GLY A 667 5.53 -0.28 -28.06
C GLY A 667 6.91 -0.05 -27.51
N THR A 668 7.82 -0.96 -27.86
CA THR A 668 9.23 -0.85 -27.51
C THR A 668 10.04 -1.24 -28.74
N TYR A 669 10.71 -0.26 -29.35
CA TYR A 669 11.45 -0.47 -30.59
C TYR A 669 12.93 -0.65 -30.25
N ARG A 670 13.42 -1.88 -30.36
CA ARG A 670 14.82 -2.16 -30.13
C ARG A 670 15.65 -1.64 -31.30
N LEU A 671 16.63 -0.80 -30.99
CA LEU A 671 17.53 -0.26 -32.01
C LEU A 671 18.90 -0.93 -32.01
N SER A 672 19.22 -1.70 -30.96
CA SER A 672 20.48 -2.43 -30.88
C SER A 672 20.40 -3.35 -29.67
N LYS A 673 21.40 -4.21 -29.54
CA LYS A 673 21.58 -5.00 -28.33
C LYS A 673 22.02 -4.12 -27.16
N ASN A 674 22.11 -2.81 -27.37
CA ASN A 674 22.58 -1.87 -26.37
C ASN A 674 21.58 -0.77 -26.05
N LEU A 675 20.62 -0.49 -26.92
CA LEU A 675 19.72 0.65 -26.76
C LEU A 675 18.32 0.26 -27.22
N SER A 676 17.30 0.73 -26.50
CA SER A 676 15.91 0.44 -26.81
C SER A 676 15.06 1.67 -26.54
N LEU A 677 13.99 1.81 -27.32
CA LEU A 677 13.13 2.99 -27.28
C LEU A 677 11.68 2.56 -27.12
N GLY A 678 10.96 3.21 -26.20
CA GLY A 678 9.55 2.95 -26.03
C GLY A 678 8.70 4.19 -26.22
N ALA A 679 7.42 3.99 -26.54
CA ALA A 679 6.49 5.10 -26.76
C ALA A 679 5.08 4.53 -26.77
N GLY A 680 4.12 5.35 -26.35
CA GLY A 680 2.74 4.92 -26.34
C GLY A 680 1.83 5.97 -25.75
N VAL A 681 0.56 5.61 -25.62
CA VAL A 681 -0.48 6.51 -25.14
C VAL A 681 -1.32 5.79 -24.09
N ASP A 682 -1.46 6.41 -22.92
CA ASP A 682 -2.38 5.93 -21.90
C ASP A 682 -3.71 6.69 -22.01
N ASN A 683 -4.79 5.97 -21.73
CA ASN A 683 -6.15 6.51 -21.83
C ASN A 683 -6.41 7.06 -23.24
N LEU A 684 -6.44 6.13 -24.20
CA LEU A 684 -6.60 6.50 -25.60
C LEU A 684 -7.86 7.34 -25.81
N PHE A 685 -8.95 7.00 -25.15
CA PHE A 685 -10.24 7.63 -25.36
C PHE A 685 -10.50 8.78 -24.41
N ASP A 686 -9.51 9.17 -23.60
CA ASP A 686 -9.59 10.36 -22.76
C ASP A 686 -10.79 10.30 -21.82
N LYS A 687 -11.00 9.15 -21.20
CA LYS A 687 -11.99 9.04 -20.14
C LYS A 687 -11.41 9.61 -18.86
N ARG A 688 -12.11 10.59 -18.27
CA ARG A 688 -11.59 11.33 -17.14
C ARG A 688 -12.62 11.37 -16.03
N LEU A 689 -12.14 11.29 -14.79
CA LEU A 689 -12.97 11.42 -13.59
C LEU A 689 -12.33 12.45 -12.67
N PHE A 690 -13.16 13.12 -11.88
CA PHE A 690 -12.73 14.23 -11.05
C PHE A 690 -13.13 13.99 -9.60
N ARG A 691 -12.24 14.36 -8.68
CA ARG A 691 -12.56 14.32 -7.26
C ARG A 691 -13.49 15.47 -6.91
N ALA A 692 -14.65 15.14 -6.34
CA ALA A 692 -15.62 16.15 -5.94
C ALA A 692 -15.58 16.45 -4.45
N GLY A 693 -14.89 15.65 -3.67
CA GLY A 693 -14.82 15.82 -2.23
C GLY A 693 -14.75 14.47 -1.54
N ASN A 694 -15.17 14.45 -0.27
CA ASN A 694 -15.24 13.22 0.49
C ASN A 694 -16.62 12.60 0.35
N ALA A 695 -16.75 11.40 0.93
CA ALA A 695 -17.93 10.57 0.66
C ALA A 695 -19.21 11.22 1.18
N GLN A 696 -19.16 11.82 2.36
CA GLN A 696 -20.35 12.34 3.01
C GLN A 696 -20.34 13.86 3.03
N GLY A 697 -21.52 14.42 3.32
CA GLY A 697 -21.66 15.85 3.44
C GLY A 697 -21.46 16.32 4.87
N VAL A 698 -21.07 17.59 5.00
CA VAL A 698 -20.88 18.21 6.30
C VAL A 698 -21.48 19.61 6.25
N VAL A 699 -21.13 20.44 7.23
CA VAL A 699 -21.62 21.82 7.25
C VAL A 699 -20.99 22.58 6.09
N GLY A 700 -21.83 22.98 5.13
CA GLY A 700 -21.38 23.77 4.00
C GLY A 700 -20.87 22.95 2.83
N ILE A 701 -20.24 21.81 3.09
CA ILE A 701 -19.67 20.97 2.05
C ILE A 701 -20.59 19.76 1.86
N ASP A 702 -21.22 19.69 0.71
CA ASP A 702 -21.99 18.50 0.37
C ASP A 702 -21.05 17.32 0.13
N GLY A 703 -21.63 16.13 0.12
CA GLY A 703 -20.86 14.93 -0.10
C GLY A 703 -20.49 14.74 -1.57
N ALA A 704 -19.56 13.82 -1.80
CA ALA A 704 -19.16 13.43 -3.14
C ALA A 704 -19.39 11.95 -3.44
N GLY A 705 -19.75 11.14 -2.43
CA GLY A 705 -19.97 9.73 -2.66
C GLY A 705 -18.72 8.98 -3.10
N ALA A 706 -18.80 8.32 -4.25
CA ALA A 706 -17.69 7.54 -4.78
C ALA A 706 -16.72 8.37 -5.62
N ALA A 707 -17.05 9.63 -5.92
CA ALA A 707 -16.18 10.50 -6.71
C ALA A 707 -15.17 11.17 -5.79
N THR A 708 -14.18 10.39 -5.38
CA THR A 708 -13.18 10.84 -4.42
C THR A 708 -11.78 10.94 -5.01
N TYR A 709 -11.59 10.56 -6.28
CA TYR A 709 -10.27 10.56 -6.88
C TYR A 709 -10.34 11.13 -8.28
N ASN A 710 -9.19 11.62 -8.76
CA ASN A 710 -9.06 12.10 -10.12
C ASN A 710 -8.51 10.99 -11.01
N GLU A 711 -9.24 10.67 -12.06
CA GLU A 711 -8.71 9.76 -13.08
C GLU A 711 -8.02 10.56 -14.18
N PRO A 712 -6.78 10.25 -14.51
CA PRO A 712 -6.07 11.06 -15.51
C PRO A 712 -6.61 10.80 -16.92
N GLY A 713 -6.44 11.80 -17.77
CA GLY A 713 -6.92 11.75 -19.14
C GLY A 713 -5.90 11.15 -20.08
N ARG A 714 -6.07 11.47 -21.36
CA ARG A 714 -5.16 10.97 -22.38
C ARG A 714 -3.74 11.49 -22.10
N THR A 715 -2.77 10.59 -22.21
CA THR A 715 -1.39 10.92 -21.85
C THR A 715 -0.45 10.16 -22.76
N PHE A 716 0.45 10.90 -23.42
CA PHE A 716 1.51 10.32 -24.24
C PHE A 716 2.76 10.15 -23.40
N TYR A 717 3.61 9.21 -23.81
CA TYR A 717 4.83 8.92 -23.07
C TYR A 717 5.89 8.36 -24.00
N THR A 718 7.14 8.47 -23.56
CA THR A 718 8.30 7.94 -24.27
C THR A 718 9.32 7.43 -23.27
N SER A 719 10.08 6.42 -23.66
CA SER A 719 11.09 5.85 -22.77
C SER A 719 12.36 5.56 -23.54
N LEU A 720 13.46 5.39 -22.80
CA LEU A 720 14.80 5.20 -23.35
C LEU A 720 15.61 4.38 -22.38
N THR A 721 16.20 3.28 -22.86
CA THR A 721 17.01 2.40 -22.03
C THR A 721 18.29 2.06 -22.76
N ALA A 722 19.42 2.51 -22.21
CA ALA A 722 20.74 2.11 -22.67
C ALA A 722 21.35 1.18 -21.63
N SER A 723 21.85 0.03 -22.07
CA SER A 723 22.32 -0.98 -21.13
C SER A 723 23.42 -1.82 -21.74
N PHE A 724 24.48 -2.06 -20.97
CA PHE A 724 25.49 -3.03 -21.33
C PHE A 724 25.54 -4.12 -20.26
N OWT B . -14.37 23.61 12.39
CA OWT B . -14.03 24.60 11.38
C OWT B . -15.01 25.79 11.43
O OWT B . -14.63 26.92 11.47
CB OWT B . -13.90 23.95 9.99
CAI OWT B . -15.25 23.67 9.30
CAJ OWT B . -15.13 22.69 8.12
CAK OWT B . -16.31 21.71 8.07
CAM OWT B . -15.46 16.97 9.44
CAN OWT B . -15.35 15.97 10.40
CAO OWT B . -15.63 16.24 11.73
CAP OWT B . -16.03 17.51 12.09
CAQ OWT B . -16.16 18.51 11.14
CAR OWT B . -15.87 18.23 9.81
CAU OWT B . -16.01 19.32 8.75
CAW OWT B . -12.99 22.81 15.91
CAX OWT B . -13.10 21.94 16.98
CAY OWT B . -13.98 20.87 16.90
CAZ OWT B . -14.74 20.69 15.75
CBA OWT B . -14.63 21.56 14.68
CBB OWT B . -13.75 22.64 14.77
CBE OWT B . -13.56 23.62 13.60
NAA OWT B . -16.44 25.51 11.45
NAL OWT B . -16.19 20.71 9.13
OAS OWT B . -16.57 19.78 11.51
OAT OWT B . -16.32 17.77 13.43
OAV OWT B . -15.97 19.03 7.60
OBC OWT B . -15.40 21.36 13.53
OBD OWT B . -15.63 19.60 15.69
OBF OWT B . -12.68 24.41 13.68
C1 EDO C . -19.84 19.96 15.09
O1 EDO C . -18.63 19.23 14.95
C2 EDO C . -19.89 21.03 14.01
O2 EDO C . -18.55 21.48 13.77
FE FE D . -16.77 19.87 13.71
#